data_7CV1
#
_entry.id   7CV1
#
_cell.length_a   155.878
_cell.length_b   155.878
_cell.length_c   201.500
_cell.angle_alpha   90.000
_cell.angle_beta   90.000
_cell.angle_gamma   120.000
#
_symmetry.space_group_name_H-M   'P 31 2 1'
#
_entity_poly.entity_id   1
_entity_poly.type   'polypeptide(L)'
_entity_poly.pdbx_seq_one_letter_code
;MGHHHHHHMAKSKFEYVRDFEADDTCLAHCWVVVRLDGRNFHRFAEKHNFAKPNDSRALQLMTKCAQTVMEELEDIVIAY
GQSDEYSFVFKRKTNWFKRRASKFMTHVASQFASSYVFYWRDYFEDQPLLYPPGFDGRVVVYPSNQTLKDYLSWRQADCH
INNLYNTVFWALIQQSGLTPVQAQGRLQGTLAADKNEILFSEFNINYNNELPMYRKGTVLIWQKVDEVMTKEIKLPTEME
GKKMAVTRTRTKPVPLHCDIIGDAFWKEHPEILDEDS
;
_entity_poly.pdbx_strand_id   A,B,C,D
#
# COMPACT_ATOMS: atom_id res chain seq x y z
N SER A 12 30.12 5.72 2.00
CA SER A 12 28.96 5.23 1.24
C SER A 12 28.76 6.08 -0.02
N LYS A 13 28.01 7.17 0.12
CA LYS A 13 27.66 8.17 -0.89
C LYS A 13 26.59 7.67 -1.87
N PHE A 14 26.15 6.43 -1.75
CA PHE A 14 25.15 5.88 -2.66
C PHE A 14 24.01 5.15 -1.98
N GLU A 15 24.09 4.91 -0.67
CA GLU A 15 23.10 4.08 0.02
C GLU A 15 21.71 4.73 0.08
N TYR A 16 21.61 6.04 -0.19
CA TYR A 16 20.32 6.73 -0.07
C TYR A 16 19.25 6.10 -0.95
N VAL A 17 19.65 5.41 -2.03
CA VAL A 17 18.69 4.77 -2.93
C VAL A 17 17.85 3.75 -2.15
N ARG A 18 18.40 3.17 -1.09
CA ARG A 18 17.67 2.20 -0.28
C ARG A 18 16.41 2.81 0.34
N ASP A 19 16.33 4.13 0.43
CA ASP A 19 15.12 4.76 0.93
C ASP A 19 13.91 4.52 0.03
N PHE A 20 14.14 4.22 -1.24
CA PHE A 20 13.05 3.99 -2.19
C PHE A 20 12.41 2.61 -2.04
N GLU A 21 12.86 1.81 -1.08
CA GLU A 21 12.29 0.49 -0.85
C GLU A 21 10.97 0.64 -0.09
N ALA A 22 9.87 0.20 -0.71
CA ALA A 22 8.57 0.29 -0.08
C ALA A 22 8.36 -0.86 0.91
N ASP A 23 7.47 -0.63 1.86
CA ASP A 23 7.12 -1.62 2.87
C ASP A 23 5.95 -2.49 2.40
N ASP A 24 5.95 -3.74 2.87
CA ASP A 24 4.93 -4.72 2.52
C ASP A 24 4.42 -5.45 3.75
N THR A 25 4.38 -4.75 4.89
CA THR A 25 3.98 -5.36 6.14
C THR A 25 2.54 -5.87 6.06
N CYS A 26 2.33 -7.10 6.49
CA CYS A 26 1.01 -7.68 6.52
C CYS A 26 0.28 -7.23 7.78
N LEU A 27 -1.05 -7.10 7.68
CA LEU A 27 -1.84 -6.69 8.82
C LEU A 27 -1.63 -7.67 9.98
N ALA A 28 -1.33 -7.12 11.15
CA ALA A 28 -1.09 -7.96 12.32
C ALA A 28 -2.35 -8.75 12.68
N HIS A 29 -2.13 -9.88 13.36
CA HIS A 29 -3.21 -10.76 13.82
C HIS A 29 -4.05 -11.31 12.67
N CYS A 30 -3.42 -11.55 11.52
CA CYS A 30 -4.14 -11.97 10.33
C CYS A 30 -3.43 -13.14 9.65
N TRP A 31 -4.22 -14.04 9.09
CA TRP A 31 -3.68 -15.18 8.35
C TRP A 31 -3.04 -14.68 7.06
N VAL A 32 -1.83 -15.16 6.78
CA VAL A 32 -1.14 -14.87 5.53
C VAL A 32 -1.22 -16.11 4.65
N VAL A 33 -1.57 -15.92 3.37
CA VAL A 33 -1.73 -17.03 2.43
C VAL A 33 -0.94 -16.71 1.17
N VAL A 34 -0.10 -17.66 0.74
CA VAL A 34 0.67 -17.52 -0.49
C VAL A 34 0.21 -18.60 -1.47
N ARG A 35 -0.23 -18.19 -2.65
CA ARG A 35 -0.71 -19.11 -3.67
C ARG A 35 0.27 -19.11 -4.85
N LEU A 36 0.87 -20.27 -5.11
CA LEU A 36 1.70 -20.48 -6.28
C LEU A 36 0.89 -21.12 -7.38
N ASP A 37 1.12 -20.68 -8.61
CA ASP A 37 0.44 -21.17 -9.79
C ASP A 37 1.44 -21.23 -10.92
N GLY A 38 1.51 -22.36 -11.61
CA GLY A 38 2.47 -22.49 -12.70
C GLY A 38 2.14 -21.56 -13.86
N ARG A 39 3.20 -21.03 -14.48
CA ARG A 39 3.05 -20.08 -15.59
C ARG A 39 3.08 -20.84 -16.90
N ASN A 40 2.07 -20.60 -17.74
CA ASN A 40 1.95 -21.25 -19.04
C ASN A 40 2.06 -22.76 -18.92
N PHE A 41 1.49 -23.32 -17.85
CA PHE A 41 1.62 -24.74 -17.60
C PHE A 41 0.81 -25.59 -18.56
N HIS A 42 -0.13 -24.99 -19.31
CA HIS A 42 -0.79 -25.74 -20.39
C HIS A 42 0.24 -26.21 -21.41
N ARG A 43 1.08 -25.30 -21.88
CA ARG A 43 2.14 -25.66 -22.82
C ARG A 43 3.14 -26.62 -22.20
N PHE A 44 3.42 -26.46 -20.90
CA PHE A 44 4.36 -27.36 -20.22
C PHE A 44 3.82 -28.79 -20.20
N ALA A 45 2.57 -28.95 -19.78
CA ALA A 45 1.95 -30.28 -19.77
C ALA A 45 1.80 -30.83 -21.18
N GLU A 46 1.66 -29.96 -22.18
CA GLU A 46 1.58 -30.42 -23.55
C GLU A 46 2.92 -30.99 -24.02
N LYS A 47 4.01 -30.25 -23.80
CA LYS A 47 5.32 -30.65 -24.32
C LYS A 47 5.87 -31.91 -23.64
N HIS A 48 5.37 -32.27 -22.48
CA HIS A 48 5.90 -33.39 -21.73
C HIS A 48 4.94 -34.57 -21.66
N ASN A 49 3.88 -34.55 -22.48
CA ASN A 49 2.95 -35.67 -22.62
C ASN A 49 2.33 -36.02 -21.26
N PHE A 50 1.61 -35.07 -20.70
CA PHE A 50 0.89 -35.26 -19.45
C PHE A 50 -0.41 -36.02 -19.69
N ALA A 51 -0.77 -36.84 -18.71
CA ALA A 51 -1.96 -37.67 -18.82
C ALA A 51 -3.22 -36.85 -18.55
N LYS A 52 -4.24 -37.07 -19.39
CA LYS A 52 -5.56 -36.44 -19.29
C LYS A 52 -6.58 -37.41 -18.71
N PRO A 53 -7.50 -36.95 -17.84
CA PRO A 53 -7.60 -35.57 -17.37
C PRO A 53 -6.69 -35.24 -16.19
N ASN A 54 -6.11 -36.27 -15.58
CA ASN A 54 -5.21 -36.10 -14.44
C ASN A 54 -3.98 -36.96 -14.62
N ASP A 55 -2.85 -36.48 -14.10
CA ASP A 55 -1.57 -37.18 -14.19
C ASP A 55 -1.00 -37.33 -12.79
N SER A 56 -0.86 -38.58 -12.34
CA SER A 56 -0.42 -38.83 -10.97
C SER A 56 0.99 -38.33 -10.74
N ARG A 57 1.88 -38.47 -11.73
CA ARG A 57 3.27 -38.05 -11.57
C ARG A 57 3.37 -36.57 -11.25
N ALA A 58 2.66 -35.74 -12.03
CA ALA A 58 2.72 -34.29 -11.83
C ALA A 58 2.17 -33.91 -10.46
N LEU A 59 1.01 -34.47 -10.08
CA LEU A 59 0.40 -34.12 -8.81
C LEU A 59 1.29 -34.52 -7.63
N GLN A 60 1.87 -35.73 -7.68
CA GLN A 60 2.72 -36.17 -6.59
C GLN A 60 4.03 -35.38 -6.53
N LEU A 61 4.57 -34.96 -7.69
CA LEU A 61 5.76 -34.13 -7.66
C LEU A 61 5.46 -32.74 -7.10
N MET A 62 4.31 -32.17 -7.45
CA MET A 62 3.90 -30.90 -6.85
C MET A 62 3.74 -31.05 -5.34
N THR A 63 3.16 -32.16 -4.89
CA THR A 63 3.00 -32.38 -3.45
C THR A 63 4.36 -32.50 -2.77
N LYS A 64 5.32 -33.17 -3.41
CA LYS A 64 6.65 -33.31 -2.81
C LYS A 64 7.35 -31.96 -2.73
N CYS A 65 7.25 -31.14 -3.79
CA CYS A 65 7.79 -29.79 -3.75
C CYS A 65 7.16 -28.98 -2.62
N ALA A 66 5.85 -29.12 -2.44
CA ALA A 66 5.17 -28.41 -1.37
C ALA A 66 5.65 -28.86 0.00
N GLN A 67 5.92 -30.16 0.16
CA GLN A 67 6.48 -30.64 1.43
C GLN A 67 7.87 -30.04 1.67
N THR A 68 8.69 -30.00 0.63
CA THR A 68 10.02 -29.38 0.77
C THR A 68 9.89 -27.91 1.17
N VAL A 69 8.93 -27.20 0.59
CA VAL A 69 8.70 -25.81 0.96
C VAL A 69 8.26 -25.71 2.42
N MET A 70 7.35 -26.58 2.85
CA MET A 70 6.88 -26.55 4.23
C MET A 70 8.00 -26.86 5.22
N GLU A 71 8.98 -27.66 4.79
CA GLU A 71 10.06 -28.01 5.72
C GLU A 71 11.18 -26.98 5.74
N GLU A 72 11.51 -26.38 4.60
CA GLU A 72 12.62 -25.43 4.58
C GLU A 72 12.25 -24.08 5.16
N LEU A 73 10.98 -23.71 5.11
CA LEU A 73 10.52 -22.46 5.72
C LEU A 73 9.88 -22.78 7.07
N GLU A 74 9.30 -21.76 7.69
CA GLU A 74 8.74 -21.90 9.04
C GLU A 74 7.32 -21.38 9.08
N ASP A 75 6.63 -21.74 10.16
CA ASP A 75 5.31 -21.22 10.52
C ASP A 75 4.23 -21.54 9.47
N ILE A 76 4.45 -22.55 8.64
CA ILE A 76 3.45 -23.00 7.68
C ILE A 76 2.59 -24.06 8.38
N VAL A 77 1.33 -23.71 8.65
CA VAL A 77 0.48 -24.61 9.41
C VAL A 77 -0.34 -25.56 8.53
N ILE A 78 -0.51 -25.25 7.25
CA ILE A 78 -1.29 -26.11 6.36
C ILE A 78 -1.00 -25.73 4.92
N ALA A 79 -1.08 -26.71 4.02
CA ALA A 79 -0.97 -26.47 2.60
C ALA A 79 -2.06 -27.23 1.87
N TYR A 80 -2.48 -26.68 0.72
CA TYR A 80 -3.50 -27.33 -0.10
C TYR A 80 -3.08 -27.25 -1.55
N GLY A 81 -3.18 -28.38 -2.26
CA GLY A 81 -2.72 -28.45 -3.63
C GLY A 81 -3.79 -28.94 -4.57
N GLN A 82 -3.64 -28.55 -5.83
CA GLN A 82 -4.56 -28.84 -6.90
C GLN A 82 -3.75 -28.83 -8.19
N SER A 83 -4.42 -29.13 -9.31
CA SER A 83 -3.74 -29.16 -10.60
C SER A 83 -2.92 -27.90 -10.81
N ASP A 84 -1.60 -28.09 -10.96
CA ASP A 84 -0.63 -27.03 -11.21
C ASP A 84 -0.80 -25.81 -10.30
N GLU A 85 -1.25 -26.02 -9.06
CA GLU A 85 -1.34 -24.90 -8.13
C GLU A 85 -1.25 -25.40 -6.69
N TYR A 86 -0.78 -24.51 -5.81
CA TYR A 86 -0.66 -24.81 -4.39
C TYR A 86 -0.87 -23.56 -3.57
N SER A 87 -1.25 -23.75 -2.32
CA SER A 87 -1.48 -22.65 -1.39
C SER A 87 -0.89 -23.03 -0.04
N PHE A 88 -0.21 -22.07 0.58
CA PHE A 88 0.40 -22.23 1.89
C PHE A 88 -0.18 -21.20 2.85
N VAL A 89 -0.58 -21.65 4.03
CA VAL A 89 -1.18 -20.78 5.04
C VAL A 89 -0.20 -20.66 6.20
N PHE A 90 0.34 -19.47 6.40
CA PHE A 90 1.17 -19.20 7.56
C PHE A 90 0.31 -18.85 8.77
N LYS A 91 0.81 -19.17 9.96
CA LYS A 91 0.07 -18.90 11.18
C LYS A 91 -0.15 -17.39 11.34
N ARG A 92 -1.32 -17.01 11.87
CA ARG A 92 -1.69 -15.60 11.85
C ARG A 92 -0.83 -14.78 12.81
N LYS A 93 -0.37 -15.38 13.90
CA LYS A 93 0.45 -14.69 14.87
C LYS A 93 1.94 -14.78 14.56
N THR A 94 2.29 -15.05 13.31
CA THR A 94 3.69 -15.19 12.93
C THR A 94 4.42 -13.86 13.04
N ASN A 95 5.75 -13.96 13.18
CA ASN A 95 6.62 -12.79 13.17
C ASN A 95 7.78 -12.98 12.20
N TRP A 96 7.71 -13.99 11.35
CA TRP A 96 8.81 -14.30 10.43
C TRP A 96 9.05 -13.14 9.47
N PHE A 97 10.31 -12.70 9.40
CA PHE A 97 10.73 -11.62 8.50
C PHE A 97 9.94 -10.33 8.74
N LYS A 98 9.46 -10.13 9.96
CA LYS A 98 8.63 -8.97 10.32
C LYS A 98 7.41 -8.86 9.41
N ARG A 99 6.89 -10.01 8.98
CA ARG A 99 5.66 -10.08 8.18
C ARG A 99 5.80 -9.35 6.84
N ARG A 100 6.99 -9.35 6.26
CA ARG A 100 7.19 -8.78 4.93
C ARG A 100 6.70 -9.78 3.88
N ALA A 101 5.60 -9.45 3.22
CA ALA A 101 4.99 -10.37 2.25
C ALA A 101 5.95 -10.75 1.13
N SER A 102 6.80 -9.80 0.70
CA SER A 102 7.75 -10.09 -0.37
C SER A 102 8.64 -11.27 -0.02
N LYS A 103 9.16 -11.28 1.21
CA LYS A 103 10.02 -12.38 1.63
C LYS A 103 9.26 -13.70 1.57
N PHE A 104 8.04 -13.72 2.12
CA PHE A 104 7.18 -14.89 2.05
C PHE A 104 7.09 -15.43 0.63
N MET A 105 6.61 -14.59 -0.28
CA MET A 105 6.28 -15.08 -1.62
C MET A 105 7.53 -15.44 -2.42
N THR A 106 8.59 -14.63 -2.33
CA THR A 106 9.80 -14.96 -3.08
C THR A 106 10.45 -16.23 -2.57
N HIS A 107 10.49 -16.44 -1.24
CA HIS A 107 11.05 -17.66 -0.69
C HIS A 107 10.24 -18.88 -1.15
N VAL A 108 8.91 -18.80 -1.05
CA VAL A 108 8.07 -19.93 -1.46
C VAL A 108 8.29 -20.25 -2.93
N ALA A 109 8.27 -19.22 -3.79
CA ALA A 109 8.41 -19.43 -5.23
C ALA A 109 9.77 -20.03 -5.57
N SER A 110 10.86 -19.47 -5.02
CA SER A 110 12.18 -19.96 -5.36
C SER A 110 12.38 -21.39 -4.89
N GLN A 111 11.98 -21.69 -3.65
CA GLN A 111 12.13 -23.05 -3.13
C GLN A 111 11.34 -24.04 -3.96
N PHE A 112 10.08 -23.70 -4.30
CA PHE A 112 9.24 -24.59 -5.09
C PHE A 112 9.86 -24.81 -6.47
N ALA A 113 10.31 -23.74 -7.13
CA ALA A 113 10.84 -23.86 -8.48
C ALA A 113 12.14 -24.65 -8.52
N SER A 114 12.97 -24.53 -7.48
CA SER A 114 14.19 -25.34 -7.45
C SER A 114 13.88 -26.80 -7.14
N SER A 115 12.97 -27.05 -6.20
CA SER A 115 12.61 -28.42 -5.85
C SER A 115 11.96 -29.14 -7.02
N TYR A 116 11.20 -28.42 -7.85
CA TYR A 116 10.58 -29.05 -9.02
C TYR A 116 11.64 -29.65 -9.93
N VAL A 117 12.61 -28.83 -10.35
CA VAL A 117 13.66 -29.30 -11.25
C VAL A 117 14.52 -30.36 -10.57
N PHE A 118 14.74 -30.23 -9.26
CA PHE A 118 15.58 -31.22 -8.58
C PHE A 118 14.92 -32.59 -8.55
N TYR A 119 13.68 -32.67 -8.07
CA TYR A 119 12.99 -33.95 -7.91
C TYR A 119 12.21 -34.36 -9.15
N TRP A 120 12.38 -33.66 -10.28
CA TRP A 120 11.75 -34.08 -11.53
C TRP A 120 12.02 -35.55 -11.85
N ARG A 121 13.28 -35.98 -11.73
CA ARG A 121 13.62 -37.33 -12.14
C ARG A 121 12.97 -38.39 -11.25
N ASP A 122 12.82 -38.09 -9.95
CA ASP A 122 12.27 -39.07 -9.02
C ASP A 122 10.87 -39.51 -9.42
N TYR A 123 10.07 -38.60 -9.96
CA TYR A 123 8.71 -38.93 -10.37
C TYR A 123 8.54 -39.07 -11.88
N PHE A 124 9.39 -38.45 -12.67
CA PHE A 124 9.39 -38.57 -14.13
C PHE A 124 10.72 -39.20 -14.54
N GLU A 125 10.84 -40.51 -14.32
CA GLU A 125 12.08 -41.21 -14.66
C GLU A 125 12.28 -41.29 -16.17
N ASP A 126 11.24 -41.65 -16.92
CA ASP A 126 11.35 -41.78 -18.36
C ASP A 126 11.31 -40.43 -19.06
N GLN A 127 10.43 -39.53 -18.62
CA GLN A 127 10.26 -38.25 -19.31
C GLN A 127 11.45 -37.34 -19.00
N PRO A 128 12.05 -36.70 -20.00
CA PRO A 128 13.11 -35.73 -19.71
C PRO A 128 12.60 -34.31 -19.65
N LEU A 129 13.06 -33.56 -18.65
CA LEU A 129 12.68 -32.16 -18.52
C LEU A 129 13.27 -31.36 -19.68
N LEU A 130 12.39 -30.73 -20.46
CA LEU A 130 12.84 -30.03 -21.66
C LEU A 130 13.42 -28.66 -21.33
N TYR A 131 12.79 -27.94 -20.41
CA TYR A 131 13.22 -26.61 -20.03
C TYR A 131 12.84 -26.36 -18.57
N PRO A 132 13.47 -25.39 -17.91
CA PRO A 132 13.08 -25.08 -16.54
C PRO A 132 11.81 -24.26 -16.51
N PRO A 133 10.81 -24.67 -15.73
CA PRO A 133 9.54 -23.95 -15.72
C PRO A 133 9.59 -22.71 -14.84
N GLY A 134 8.62 -21.83 -15.08
CA GLY A 134 8.44 -20.61 -14.30
C GLY A 134 7.15 -20.67 -13.50
N PHE A 135 7.13 -19.96 -12.38
CA PHE A 135 5.98 -19.92 -11.50
C PHE A 135 5.70 -18.48 -11.08
N ASP A 136 4.44 -18.21 -10.76
CA ASP A 136 4.03 -16.92 -10.21
C ASP A 136 3.28 -17.13 -8.90
N GLY A 137 3.34 -16.12 -8.05
CA GLY A 137 2.72 -16.18 -6.74
C GLY A 137 2.02 -14.88 -6.40
N ARG A 138 1.47 -14.84 -5.19
CA ARG A 138 0.72 -13.70 -4.69
C ARG A 138 0.46 -13.93 -3.21
N VAL A 139 0.18 -12.83 -2.50
CA VAL A 139 -0.08 -12.87 -1.07
C VAL A 139 -1.48 -12.34 -0.82
N VAL A 140 -2.19 -13.00 0.09
CA VAL A 140 -3.53 -12.58 0.51
C VAL A 140 -3.59 -12.61 2.02
N VAL A 141 -4.20 -11.57 2.59
CA VAL A 141 -4.32 -11.40 4.04
C VAL A 141 -5.78 -11.62 4.43
N TYR A 142 -6.02 -12.54 5.36
CA TYR A 142 -7.37 -12.86 5.80
C TYR A 142 -7.53 -12.53 7.28
N PRO A 143 -8.54 -11.74 7.64
CA PRO A 143 -8.64 -11.27 9.04
C PRO A 143 -9.22 -12.26 10.02
N SER A 144 -10.03 -13.21 9.57
CA SER A 144 -10.72 -14.12 10.47
C SER A 144 -10.50 -15.56 10.03
N ASN A 145 -10.76 -16.49 10.96
CA ASN A 145 -10.67 -17.90 10.63
C ASN A 145 -11.73 -18.32 9.63
N GLN A 146 -12.89 -17.67 9.67
CA GLN A 146 -13.96 -18.01 8.73
C GLN A 146 -13.54 -17.74 7.29
N THR A 147 -12.87 -16.62 7.04
CA THR A 147 -12.45 -16.28 5.68
C THR A 147 -11.39 -17.25 5.17
N LEU A 148 -10.47 -17.67 6.04
CA LEU A 148 -9.46 -18.66 5.64
C LEU A 148 -10.09 -20.01 5.33
N LYS A 149 -11.01 -20.45 6.20
CA LYS A 149 -11.76 -21.67 5.94
C LYS A 149 -12.49 -21.59 4.61
N ASP A 150 -13.11 -20.45 4.33
CA ASP A 150 -13.84 -20.26 3.09
C ASP A 150 -12.93 -20.26 1.88
N TYR A 151 -11.72 -19.71 2.03
CA TYR A 151 -10.75 -19.75 0.93
C TYR A 151 -10.34 -21.18 0.61
N LEU A 152 -10.02 -21.96 1.64
CA LEU A 152 -9.66 -23.36 1.39
C LEU A 152 -10.82 -24.13 0.77
N SER A 153 -12.03 -23.89 1.26
CA SER A 153 -13.20 -24.55 0.68
C SER A 153 -13.42 -24.12 -0.77
N TRP A 154 -13.15 -22.85 -1.08
CA TRP A 154 -13.25 -22.34 -2.45
C TRP A 154 -12.28 -23.08 -3.36
N ARG A 155 -11.04 -23.25 -2.90
CA ARG A 155 -10.05 -23.98 -3.70
C ARG A 155 -10.49 -25.43 -3.93
N GLN A 156 -11.02 -26.09 -2.89
CA GLN A 156 -11.43 -27.47 -3.06
C GLN A 156 -12.64 -27.59 -3.98
N ALA A 157 -13.59 -26.66 -3.89
CA ALA A 157 -14.74 -26.69 -4.77
C ALA A 157 -14.33 -26.46 -6.22
N ASP A 158 -13.39 -25.53 -6.44
CA ASP A 158 -12.85 -25.32 -7.78
C ASP A 158 -12.21 -26.61 -8.30
N CYS A 159 -11.43 -27.29 -7.44
CA CYS A 159 -10.85 -28.58 -7.83
C CYS A 159 -11.93 -29.57 -8.26
N HIS A 160 -12.97 -29.70 -7.44
CA HIS A 160 -14.02 -30.67 -7.74
C HIS A 160 -14.72 -30.35 -9.05
N ILE A 161 -15.05 -29.08 -9.27
CA ILE A 161 -15.76 -28.72 -10.50
C ILE A 161 -14.89 -28.94 -11.72
N ASN A 162 -13.62 -28.54 -11.64
CA ASN A 162 -12.74 -28.73 -12.79
C ASN A 162 -12.52 -30.21 -13.09
N ASN A 163 -12.38 -31.04 -12.05
CA ASN A 163 -12.18 -32.46 -12.32
C ASN A 163 -13.44 -33.11 -12.87
N LEU A 164 -14.61 -32.76 -12.34
CA LEU A 164 -15.86 -33.32 -12.84
C LEU A 164 -16.12 -32.90 -14.28
N TYR A 165 -15.70 -31.69 -14.66
CA TYR A 165 -15.86 -31.28 -16.04
C TYR A 165 -14.86 -31.99 -16.95
N ASN A 166 -13.59 -32.01 -16.55
CA ASN A 166 -12.55 -32.56 -17.41
C ASN A 166 -12.72 -34.06 -17.60
N THR A 167 -13.25 -34.77 -16.60
CA THR A 167 -13.45 -36.21 -16.76
C THR A 167 -14.37 -36.51 -17.93
N VAL A 168 -15.56 -35.90 -17.94
CA VAL A 168 -16.50 -36.16 -19.02
C VAL A 168 -16.04 -35.51 -20.33
N PHE A 169 -15.28 -34.41 -20.23
CA PHE A 169 -14.80 -33.73 -21.44
C PHE A 169 -13.80 -34.61 -22.19
N TRP A 170 -12.83 -35.18 -21.48
CA TRP A 170 -11.86 -36.07 -22.10
C TRP A 170 -12.45 -37.46 -22.36
N ALA A 171 -13.53 -37.84 -21.68
CA ALA A 171 -14.22 -39.06 -22.07
C ALA A 171 -14.95 -38.89 -23.38
N LEU A 172 -15.44 -37.67 -23.66
CA LEU A 172 -16.07 -37.38 -24.94
C LEU A 172 -15.04 -37.17 -26.05
N ILE A 173 -13.82 -36.75 -25.70
CA ILE A 173 -12.81 -36.56 -26.74
C ILE A 173 -12.03 -37.84 -27.01
N GLN A 174 -11.65 -38.60 -25.98
CA GLN A 174 -10.79 -39.74 -26.18
C GLN A 174 -11.56 -41.01 -26.54
N GLN A 175 -12.54 -41.39 -25.73
CA GLN A 175 -13.28 -42.62 -25.95
C GLN A 175 -14.48 -42.44 -26.86
N SER A 176 -14.78 -41.23 -27.31
CA SER A 176 -15.91 -40.98 -28.19
C SER A 176 -15.56 -40.33 -29.52
N GLY A 177 -14.34 -39.78 -29.66
CA GLY A 177 -13.91 -39.19 -30.91
C GLY A 177 -14.63 -37.92 -31.30
N LEU A 178 -14.60 -36.93 -30.41
CA LEU A 178 -15.21 -35.62 -30.66
C LEU A 178 -14.13 -34.54 -30.60
N THR A 179 -14.24 -33.57 -31.49
CA THR A 179 -13.32 -32.43 -31.45
C THR A 179 -13.58 -31.59 -30.21
N PRO A 180 -12.57 -30.84 -29.74
CA PRO A 180 -12.77 -30.02 -28.54
C PRO A 180 -13.94 -29.05 -28.63
N VAL A 181 -14.12 -28.37 -29.77
CA VAL A 181 -15.23 -27.43 -29.91
C VAL A 181 -16.57 -28.16 -29.82
N GLN A 182 -16.66 -29.33 -30.46
CA GLN A 182 -17.91 -30.09 -30.42
C GLN A 182 -18.20 -30.59 -29.01
N ALA A 183 -17.18 -31.13 -28.32
CA ALA A 183 -17.39 -31.60 -26.95
C ALA A 183 -17.79 -30.46 -26.03
N GLN A 184 -17.19 -29.28 -26.21
CA GLN A 184 -17.52 -28.15 -25.35
C GLN A 184 -18.93 -27.63 -25.64
N GLY A 185 -19.36 -27.70 -26.91
CA GLY A 185 -20.74 -27.36 -27.21
C GLY A 185 -21.72 -28.39 -26.70
N ARG A 186 -21.30 -29.65 -26.62
CA ARG A 186 -22.15 -30.69 -26.06
C ARG A 186 -22.27 -30.53 -24.55
N LEU A 187 -21.23 -30.04 -23.90
CA LEU A 187 -21.23 -29.87 -22.46
C LEU A 187 -21.81 -28.53 -22.03
N GLN A 188 -22.08 -27.62 -22.97
CA GLN A 188 -22.64 -26.33 -22.61
C GLN A 188 -24.04 -26.50 -22.02
N GLY A 189 -24.23 -25.93 -20.84
CA GLY A 189 -25.52 -25.98 -20.18
C GLY A 189 -25.74 -27.16 -19.26
N THR A 190 -24.79 -28.08 -19.17
CA THR A 190 -24.96 -29.25 -18.32
C THR A 190 -24.72 -28.88 -16.85
N LEU A 191 -25.46 -29.56 -15.98
CA LEU A 191 -25.34 -29.35 -14.55
C LEU A 191 -24.38 -30.39 -13.96
N ALA A 192 -24.30 -30.45 -12.62
CA ALA A 192 -23.47 -31.46 -11.98
C ALA A 192 -24.05 -32.85 -12.17
N ALA A 193 -25.32 -33.04 -11.82
CA ALA A 193 -25.98 -34.32 -12.03
C ALA A 193 -26.01 -34.68 -13.51
N ASP A 194 -26.03 -33.68 -14.40
CA ASP A 194 -25.99 -33.95 -15.83
C ASP A 194 -24.69 -34.64 -16.23
N LYS A 195 -23.55 -34.07 -15.82
CA LYS A 195 -22.27 -34.67 -16.14
C LYS A 195 -22.13 -36.04 -15.47
N ASN A 196 -22.57 -36.15 -14.22
CA ASN A 196 -22.49 -37.43 -13.52
C ASN A 196 -23.32 -38.49 -14.26
N GLU A 197 -24.49 -38.12 -14.77
CA GLU A 197 -25.33 -39.10 -15.46
C GLU A 197 -24.78 -39.45 -16.83
N ILE A 198 -24.25 -38.45 -17.56
CA ILE A 198 -23.60 -38.74 -18.84
C ILE A 198 -22.46 -39.72 -18.62
N LEU A 199 -21.68 -39.53 -17.56
CA LEU A 199 -20.57 -40.44 -17.29
C LEU A 199 -21.08 -41.83 -16.93
N PHE A 200 -22.02 -41.92 -16.00
CA PHE A 200 -22.48 -43.22 -15.51
C PHE A 200 -23.23 -44.02 -16.58
N SER A 201 -23.95 -43.35 -17.49
CA SER A 201 -24.80 -44.06 -18.43
C SER A 201 -24.23 -44.16 -19.83
N GLU A 202 -23.35 -43.24 -20.24
CA GLU A 202 -22.75 -43.28 -21.55
C GLU A 202 -21.35 -43.87 -21.55
N PHE A 203 -20.68 -43.90 -20.40
CA PHE A 203 -19.34 -44.45 -20.30
C PHE A 203 -19.18 -45.44 -19.16
N ASN A 204 -20.23 -45.66 -18.36
CA ASN A 204 -20.19 -46.59 -17.22
C ASN A 204 -19.10 -46.24 -16.22
N ILE A 205 -18.87 -44.94 -16.03
CA ILE A 205 -17.87 -44.44 -15.09
C ILE A 205 -18.60 -43.80 -13.93
N ASN A 206 -18.41 -44.36 -12.73
CA ASN A 206 -18.95 -43.77 -11.52
C ASN A 206 -17.94 -42.79 -10.96
N TYR A 207 -18.33 -41.53 -10.86
CA TYR A 207 -17.38 -40.50 -10.42
C TYR A 207 -16.88 -40.75 -9.00
N ASN A 208 -17.72 -41.36 -8.15
CA ASN A 208 -17.31 -41.61 -6.76
C ASN A 208 -16.14 -42.58 -6.68
N ASN A 209 -16.03 -43.52 -7.62
CA ASN A 209 -14.94 -44.48 -7.60
C ASN A 209 -13.61 -43.89 -8.05
N GLU A 210 -13.60 -42.69 -8.62
CA GLU A 210 -12.35 -42.07 -9.04
C GLU A 210 -11.43 -41.83 -7.85
N LEU A 211 -10.13 -41.79 -8.13
CA LEU A 211 -9.12 -41.64 -7.10
C LEU A 211 -9.43 -40.44 -6.21
N PRO A 212 -9.26 -40.55 -4.90
CA PRO A 212 -9.56 -39.41 -4.01
C PRO A 212 -8.62 -38.24 -4.20
N MET A 213 -7.49 -38.43 -4.88
CA MET A 213 -6.57 -37.34 -5.12
C MET A 213 -7.00 -36.46 -6.29
N TYR A 214 -7.93 -36.95 -7.12
CA TYR A 214 -8.37 -36.20 -8.29
C TYR A 214 -9.59 -35.34 -8.01
N ARG A 215 -10.51 -35.81 -7.18
CA ARG A 215 -11.75 -35.10 -6.92
C ARG A 215 -11.75 -34.38 -5.58
N LYS A 216 -10.65 -34.42 -4.84
CA LYS A 216 -10.55 -33.74 -3.56
C LYS A 216 -9.29 -32.90 -3.41
N GLY A 217 -8.32 -33.01 -4.32
CA GLY A 217 -7.09 -32.25 -4.18
C GLY A 217 -6.09 -32.96 -3.28
N THR A 218 -5.26 -32.17 -2.62
CA THR A 218 -4.29 -32.71 -1.68
C THR A 218 -4.16 -31.75 -0.51
N VAL A 219 -4.12 -32.30 0.71
CA VAL A 219 -3.92 -31.52 1.92
C VAL A 219 -2.59 -31.93 2.54
N LEU A 220 -1.91 -30.98 3.17
CA LEU A 220 -0.62 -31.24 3.79
C LEU A 220 -0.64 -30.63 5.19
N ILE A 221 -0.52 -31.49 6.21
CA ILE A 221 -0.58 -31.08 7.61
C ILE A 221 0.50 -31.81 8.39
N TRP A 222 1.00 -31.17 9.45
CA TRP A 222 2.01 -31.80 10.29
C TRP A 222 1.38 -32.90 11.13
N GLN A 223 1.96 -34.10 11.08
CA GLN A 223 1.53 -35.23 11.90
C GLN A 223 2.77 -36.00 12.36
N LYS A 224 2.56 -36.89 13.33
CA LYS A 224 3.67 -37.57 13.98
C LYS A 224 3.98 -38.87 13.26
N VAL A 225 5.18 -38.96 12.68
CA VAL A 225 5.64 -40.12 11.94
C VAL A 225 6.62 -40.90 12.81
N ASP A 226 6.40 -42.21 12.91
CA ASP A 226 7.32 -43.11 13.57
C ASP A 226 8.32 -43.66 12.56
N GLU A 227 9.52 -43.99 13.05
CA GLU A 227 10.58 -44.44 12.15
C GLU A 227 11.64 -45.20 12.95
N VAL A 228 12.15 -46.28 12.38
CA VAL A 228 13.12 -47.17 13.03
C VAL A 228 14.40 -47.16 12.22
N MET A 229 15.54 -47.10 12.91
CA MET A 229 16.86 -46.98 12.28
C MET A 229 17.74 -48.19 12.63
N THR A 230 18.93 -48.21 12.03
CA THR A 230 19.86 -49.30 12.18
C THR A 230 20.68 -49.10 13.48
N LYS A 231 21.67 -49.97 13.69
CA LYS A 231 22.48 -50.12 14.92
C LYS A 231 21.77 -51.04 15.91
N ALA A 245 18.39 -51.45 16.87
CA ALA A 245 16.94 -51.40 16.81
C ALA A 245 16.39 -50.30 17.71
N VAL A 246 16.26 -49.09 17.17
CA VAL A 246 15.77 -47.94 17.89
C VAL A 246 14.71 -47.25 17.06
N THR A 247 13.62 -46.82 17.71
CA THR A 247 12.49 -46.17 17.06
C THR A 247 12.39 -44.73 17.52
N ARG A 248 12.32 -43.80 16.56
CA ARG A 248 12.21 -42.37 16.85
C ARG A 248 10.97 -41.82 16.17
N THR A 249 10.21 -41.01 16.90
CA THR A 249 8.95 -40.44 16.42
C THR A 249 9.11 -38.92 16.29
N ARG A 250 9.18 -38.44 15.05
CA ARG A 250 9.30 -37.01 14.78
C ARG A 250 8.13 -36.52 13.95
N THR A 251 7.98 -35.21 13.85
CA THR A 251 6.88 -34.61 13.10
C THR A 251 7.27 -34.41 11.63
N LYS A 252 6.31 -34.62 10.74
CA LYS A 252 6.54 -34.48 9.31
C LYS A 252 5.25 -34.03 8.65
N PRO A 253 5.34 -33.38 7.48
CA PRO A 253 4.13 -32.98 6.75
C PRO A 253 3.51 -34.14 5.99
N VAL A 254 2.46 -34.75 6.54
CA VAL A 254 1.78 -35.85 5.87
C VAL A 254 0.72 -35.33 4.91
N PRO A 255 0.50 -36.02 3.81
CA PRO A 255 -0.59 -35.65 2.90
C PRO A 255 -1.88 -36.42 3.21
N LEU A 256 -2.99 -35.80 2.82
CA LEU A 256 -4.32 -36.38 2.94
C LEU A 256 -5.14 -36.00 1.72
N HIS A 257 -6.24 -36.71 1.52
CA HIS A 257 -7.14 -36.47 0.41
C HIS A 257 -8.58 -36.47 0.90
N CYS A 258 -8.83 -35.81 2.01
CA CYS A 258 -10.14 -35.74 2.63
C CYS A 258 -10.80 -34.39 2.38
N ASP A 259 -12.07 -34.31 2.76
CA ASP A 259 -12.86 -33.10 2.55
C ASP A 259 -12.55 -32.04 3.60
N ILE A 260 -12.25 -30.82 3.15
CA ILE A 260 -11.95 -29.71 4.05
C ILE A 260 -13.04 -28.67 4.07
N ILE A 261 -14.16 -28.92 3.40
CA ILE A 261 -15.28 -27.99 3.45
C ILE A 261 -16.20 -28.28 4.64
N GLY A 262 -16.30 -29.54 5.07
CA GLY A 262 -17.17 -29.90 6.16
C GLY A 262 -16.49 -29.69 7.51
N ASP A 263 -17.29 -29.27 8.50
CA ASP A 263 -16.77 -28.96 9.82
C ASP A 263 -16.13 -30.16 10.50
N ALA A 264 -16.45 -31.39 10.07
CA ALA A 264 -15.89 -32.57 10.71
C ALA A 264 -14.36 -32.56 10.65
N PHE A 265 -13.80 -32.22 9.48
CA PHE A 265 -12.34 -32.18 9.34
C PHE A 265 -11.71 -31.24 10.36
N TRP A 266 -12.33 -30.09 10.60
CA TRP A 266 -11.74 -29.12 11.52
C TRP A 266 -11.95 -29.51 12.98
N LYS A 267 -13.10 -30.13 13.31
CA LYS A 267 -13.27 -30.67 14.65
C LYS A 267 -12.32 -31.82 14.93
N GLU A 268 -11.84 -32.52 13.89
CA GLU A 268 -10.90 -33.61 14.11
C GLU A 268 -9.48 -33.12 14.34
N HIS A 269 -9.12 -31.94 13.81
CA HIS A 269 -7.79 -31.35 14.00
C HIS A 269 -7.96 -29.92 14.48
N PRO A 270 -8.24 -29.72 15.78
CA PRO A 270 -8.44 -28.35 16.29
C PRO A 270 -7.16 -27.55 16.43
N GLU A 271 -6.00 -28.20 16.55
CA GLU A 271 -4.74 -27.49 16.81
C GLU A 271 -4.32 -26.60 15.64
N ILE A 272 -4.87 -26.84 14.45
CA ILE A 272 -4.43 -26.08 13.28
C ILE A 272 -4.94 -24.64 13.31
N LEU A 273 -6.18 -24.43 13.77
CA LEU A 273 -6.76 -23.09 13.84
C LEU A 273 -6.57 -22.43 15.20
N ASP A 274 -6.92 -23.13 16.28
CA ASP A 274 -6.84 -22.57 17.63
C ASP A 274 -5.46 -22.86 18.21
N GLU A 275 -4.62 -21.82 18.25
CA GLU A 275 -3.26 -21.95 18.74
C GLU A 275 -2.87 -20.71 19.55
N SER B 12 -21.14 -20.54 -6.94
CA SER B 12 -19.90 -20.20 -6.25
C SER B 12 -20.11 -20.18 -4.73
N LYS B 13 -20.55 -19.02 -4.23
CA LYS B 13 -20.84 -18.72 -2.83
C LYS B 13 -19.56 -18.51 -2.03
N PHE B 14 -18.40 -18.62 -2.66
CA PHE B 14 -17.10 -18.50 -2.00
C PHE B 14 -16.16 -17.52 -2.67
N GLU B 15 -16.50 -17.01 -3.85
CA GLU B 15 -15.57 -16.20 -4.63
C GLU B 15 -15.24 -14.86 -3.98
N TYR B 16 -16.05 -14.41 -3.02
CA TYR B 16 -15.84 -13.10 -2.43
C TYR B 16 -14.48 -12.97 -1.76
N VAL B 17 -13.86 -14.08 -1.35
CA VAL B 17 -12.53 -14.03 -0.74
C VAL B 17 -11.52 -13.39 -1.68
N ARG B 18 -11.74 -13.49 -3.00
CA ARG B 18 -10.84 -12.88 -3.96
C ARG B 18 -10.73 -11.37 -3.78
N ASP B 19 -11.70 -10.74 -3.11
CA ASP B 19 -11.64 -9.31 -2.84
C ASP B 19 -10.48 -8.95 -1.91
N PHE B 20 -9.99 -9.88 -1.10
CA PHE B 20 -8.94 -9.56 -0.14
C PHE B 20 -7.56 -9.43 -0.76
N GLU B 21 -7.42 -9.55 -2.08
CA GLU B 21 -6.14 -9.35 -2.75
C GLU B 21 -5.86 -7.87 -2.87
N ALA B 22 -4.79 -7.41 -2.24
CA ALA B 22 -4.42 -6.00 -2.30
C ALA B 22 -3.71 -5.69 -3.61
N ASP B 23 -3.72 -4.41 -3.98
CA ASP B 23 -3.06 -3.95 -5.20
C ASP B 23 -1.62 -3.58 -4.89
N ASP B 24 -0.73 -3.85 -5.86
CA ASP B 24 0.69 -3.54 -5.72
C ASP B 24 1.27 -2.93 -6.98
N THR B 25 0.47 -2.18 -7.72
CA THR B 25 0.93 -1.58 -8.97
C THR B 25 2.06 -0.58 -8.71
N CYS B 26 3.12 -0.68 -9.52
CA CYS B 26 4.24 0.24 -9.41
C CYS B 26 3.93 1.55 -10.12
N LEU B 27 4.50 2.64 -9.59
CA LEU B 27 4.27 3.96 -10.17
C LEU B 27 4.66 3.98 -11.65
N ALA B 28 3.77 4.49 -12.49
CA ALA B 28 4.03 4.56 -13.91
C ALA B 28 5.21 5.48 -14.21
N HIS B 29 5.82 5.28 -15.37
CA HIS B 29 6.96 6.07 -15.84
C HIS B 29 8.16 5.98 -14.89
N CYS B 30 8.36 4.83 -14.27
CA CYS B 30 9.40 4.66 -13.27
C CYS B 30 10.16 3.36 -13.51
N TRP B 31 11.47 3.41 -13.27
CA TRP B 31 12.29 2.21 -13.39
C TRP B 31 11.94 1.23 -12.28
N VAL B 32 11.74 -0.03 -12.65
CA VAL B 32 11.51 -1.10 -11.68
C VAL B 32 12.77 -1.95 -11.62
N VAL B 33 13.20 -2.28 -10.40
CA VAL B 33 14.42 -3.05 -10.18
C VAL B 33 14.09 -4.21 -9.26
N VAL B 34 14.46 -5.42 -9.67
CA VAL B 34 14.27 -6.61 -8.87
C VAL B 34 15.65 -7.16 -8.51
N ARG B 35 15.92 -7.29 -7.21
CA ARG B 35 17.21 -7.78 -6.73
C ARG B 35 17.01 -9.14 -6.06
N LEU B 36 17.64 -10.15 -6.63
CA LEU B 36 17.68 -11.49 -6.06
C LEU B 36 18.96 -11.67 -5.25
N ASP B 37 18.82 -12.33 -4.10
CA ASP B 37 19.95 -12.61 -3.22
C ASP B 37 19.76 -14.00 -2.62
N GLY B 38 20.80 -14.82 -2.69
CA GLY B 38 20.69 -16.18 -2.18
C GLY B 38 20.55 -16.20 -0.66
N ARG B 39 19.73 -17.13 -0.17
CA ARG B 39 19.49 -17.27 1.25
C ARG B 39 20.44 -18.32 1.85
N ASN B 40 21.09 -17.94 2.94
CA ASN B 40 22.01 -18.83 3.66
C ASN B 40 23.07 -19.42 2.72
N PHE B 41 23.52 -18.61 1.76
CA PHE B 41 24.47 -19.10 0.77
C PHE B 41 25.86 -19.32 1.34
N HIS B 42 26.14 -18.81 2.54
CA HIS B 42 27.39 -19.15 3.22
C HIS B 42 27.48 -20.66 3.44
N ARG B 43 26.42 -21.24 4.01
CA ARG B 43 26.39 -22.69 4.21
C ARG B 43 26.40 -23.44 2.88
N PHE B 44 25.78 -22.86 1.84
CA PHE B 44 25.78 -23.50 0.53
C PHE B 44 27.19 -23.59 -0.04
N ALA B 45 27.93 -22.48 -0.02
CA ALA B 45 29.32 -22.50 -0.46
C ALA B 45 30.19 -23.37 0.44
N GLU B 46 29.82 -23.50 1.72
CA GLU B 46 30.57 -24.35 2.64
C GLU B 46 30.42 -25.82 2.29
N LYS B 47 29.18 -26.28 2.11
CA LYS B 47 28.94 -27.70 1.87
C LYS B 47 29.39 -28.15 0.48
N HIS B 48 29.58 -27.22 -0.45
CA HIS B 48 29.91 -27.58 -1.82
C HIS B 48 31.33 -27.19 -2.21
N ASN B 49 32.17 -26.81 -1.25
CA ASN B 49 33.59 -26.56 -1.48
C ASN B 49 33.80 -25.52 -2.58
N PHE B 50 33.29 -24.32 -2.32
CA PHE B 50 33.46 -23.20 -3.23
C PHE B 50 34.87 -22.62 -3.12
N ALA B 51 35.39 -22.15 -4.25
CA ALA B 51 36.75 -21.62 -4.28
C ALA B 51 36.79 -20.22 -3.67
N LYS B 52 37.80 -19.98 -2.83
CA LYS B 52 38.03 -18.71 -2.17
C LYS B 52 39.14 -17.93 -2.84
N PRO B 53 39.01 -16.61 -2.98
CA PRO B 53 37.85 -15.84 -2.53
C PRO B 53 36.70 -15.83 -3.53
N ASN B 54 36.98 -16.27 -4.75
CA ASN B 54 35.99 -16.30 -5.82
C ASN B 54 36.04 -17.63 -6.55
N ASP B 55 34.88 -18.06 -7.06
CA ASP B 55 34.75 -19.30 -7.80
C ASP B 55 34.12 -18.96 -9.15
N SER B 56 34.88 -19.16 -10.23
CA SER B 56 34.41 -18.74 -11.55
C SER B 56 33.16 -19.51 -11.96
N ARG B 57 33.10 -20.81 -11.62
CA ARG B 57 31.96 -21.63 -12.02
C ARG B 57 30.66 -21.07 -11.44
N ALA B 58 30.66 -20.74 -10.14
CA ALA B 58 29.45 -20.23 -9.49
C ALA B 58 29.00 -18.90 -10.10
N LEU B 59 29.94 -17.96 -10.28
CA LEU B 59 29.58 -16.65 -10.81
C LEU B 59 29.04 -16.78 -12.23
N GLN B 60 29.67 -17.61 -13.05
CA GLN B 60 29.19 -17.81 -14.41
C GLN B 60 27.83 -18.52 -14.42
N LEU B 61 27.57 -19.42 -13.47
CA LEU B 61 26.26 -20.06 -13.40
C LEU B 61 25.17 -19.06 -13.02
N MET B 62 25.49 -18.16 -12.09
CA MET B 62 24.58 -17.06 -11.79
C MET B 62 24.31 -16.23 -13.04
N THR B 63 25.35 -15.97 -13.83
CA THR B 63 25.18 -15.22 -15.07
C THR B 63 24.28 -15.96 -16.06
N LYS B 64 24.43 -17.29 -16.14
CA LYS B 64 23.58 -18.07 -17.05
C LYS B 64 22.12 -18.04 -16.60
N CYS B 65 21.88 -18.18 -15.30
CA CYS B 65 20.52 -18.05 -14.79
C CYS B 65 19.95 -16.67 -15.08
N ALA B 66 20.77 -15.62 -14.92
CA ALA B 66 20.30 -14.27 -15.21
C ALA B 66 19.97 -14.09 -16.69
N GLN B 67 20.76 -14.70 -17.57
CA GLN B 67 20.43 -14.66 -18.99
C GLN B 67 19.12 -15.36 -19.28
N THR B 68 18.91 -16.53 -18.66
CA THR B 68 17.64 -17.23 -18.82
C THR B 68 16.47 -16.35 -18.36
N VAL B 69 16.65 -15.63 -17.25
CA VAL B 69 15.61 -14.73 -16.78
C VAL B 69 15.36 -13.61 -17.77
N MET B 70 16.43 -13.03 -18.32
CA MET B 70 16.28 -11.95 -19.29
C MET B 70 15.60 -12.42 -20.57
N GLU B 71 15.75 -13.70 -20.92
CA GLU B 71 15.14 -14.19 -22.15
C GLU B 71 13.69 -14.64 -21.96
N GLU B 72 13.36 -15.26 -20.83
CA GLU B 72 12.00 -15.77 -20.65
C GLU B 72 11.00 -14.68 -20.29
N LEU B 73 11.45 -13.59 -19.67
CA LEU B 73 10.60 -12.46 -19.33
C LEU B 73 10.78 -11.36 -20.36
N GLU B 74 10.18 -10.19 -20.11
CA GLU B 74 10.20 -9.10 -21.08
C GLU B 74 10.67 -7.81 -20.43
N ASP B 75 11.02 -6.85 -21.29
CA ASP B 75 11.31 -5.47 -20.93
C ASP B 75 12.50 -5.35 -19.96
N ILE B 76 13.38 -6.35 -19.91
CA ILE B 76 14.58 -6.28 -19.09
C ILE B 76 15.69 -5.69 -19.95
N VAL B 77 16.11 -4.46 -19.62
CA VAL B 77 17.11 -3.78 -20.45
C VAL B 77 18.54 -3.98 -19.95
N ILE B 78 18.73 -4.42 -18.71
CA ILE B 78 20.08 -4.60 -18.17
C ILE B 78 20.01 -5.47 -16.92
N ALA B 79 21.08 -6.23 -16.68
CA ALA B 79 21.24 -6.98 -15.45
C ALA B 79 22.64 -6.78 -14.92
N TYR B 80 22.79 -6.85 -13.59
CA TYR B 80 24.10 -6.73 -12.96
C TYR B 80 24.22 -7.76 -11.86
N GLY B 81 25.33 -8.48 -11.84
CA GLY B 81 25.52 -9.56 -10.91
C GLY B 81 26.84 -9.47 -10.17
N GLN B 82 26.87 -10.10 -9.00
CA GLN B 82 28.05 -10.16 -8.15
C GLN B 82 27.91 -11.39 -7.27
N SER B 83 28.92 -11.62 -6.45
CA SER B 83 28.92 -12.79 -5.56
C SER B 83 27.59 -12.89 -4.81
N ASP B 84 26.91 -14.01 -5.03
CA ASP B 84 25.63 -14.37 -4.42
C ASP B 84 24.53 -13.31 -4.54
N GLU B 85 24.56 -12.47 -5.58
CA GLU B 85 23.41 -11.59 -5.80
C GLU B 85 23.34 -11.16 -7.26
N TYR B 86 22.13 -10.78 -7.67
CA TYR B 86 21.88 -10.29 -9.02
C TYR B 86 20.75 -9.27 -8.98
N SER B 87 20.73 -8.39 -9.97
CA SER B 87 19.72 -7.35 -10.11
C SER B 87 19.30 -7.24 -11.56
N PHE B 88 18.00 -7.09 -11.79
CA PHE B 88 17.43 -6.94 -13.12
C PHE B 88 16.65 -5.64 -13.17
N VAL B 89 16.87 -4.84 -14.21
CA VAL B 89 16.20 -3.55 -14.37
C VAL B 89 15.22 -3.65 -15.52
N PHE B 90 13.93 -3.56 -15.21
CA PHE B 90 12.91 -3.50 -16.25
C PHE B 90 12.78 -2.08 -16.77
N LYS B 91 12.42 -1.96 -18.05
CA LYS B 91 12.29 -0.65 -18.66
C LYS B 91 11.19 0.14 -17.97
N ARG B 92 11.40 1.46 -17.84
CA ARG B 92 10.52 2.28 -17.01
C ARG B 92 9.13 2.42 -17.61
N LYS B 93 9.02 2.39 -18.93
CA LYS B 93 7.73 2.54 -19.60
C LYS B 93 7.05 1.19 -19.86
N THR B 94 7.40 0.16 -19.09
CA THR B 94 6.82 -1.15 -19.31
C THR B 94 5.34 -1.17 -18.91
N ASN B 95 4.62 -2.13 -19.48
CA ASN B 95 3.24 -2.39 -19.12
C ASN B 95 3.03 -3.87 -18.82
N TRP B 96 4.10 -4.64 -18.67
CA TRP B 96 4.01 -6.07 -18.45
C TRP B 96 3.27 -6.36 -17.15
N PHE B 97 2.24 -7.21 -17.23
CA PHE B 97 1.44 -7.62 -16.08
C PHE B 97 0.83 -6.43 -15.35
N LYS B 98 0.60 -5.34 -16.08
CA LYS B 98 0.07 -4.09 -15.52
C LYS B 98 0.91 -3.60 -14.36
N ARG B 99 2.22 -3.83 -14.42
CA ARG B 99 3.19 -3.33 -13.45
C ARG B 99 2.89 -3.82 -12.03
N ARG B 100 2.34 -5.03 -11.91
CA ARG B 100 2.12 -5.63 -10.60
C ARG B 100 3.45 -6.18 -10.10
N ALA B 101 4.01 -5.55 -9.06
CA ALA B 101 5.33 -5.94 -8.57
C ALA B 101 5.37 -7.41 -8.16
N SER B 102 4.25 -7.94 -7.64
CA SER B 102 4.23 -9.33 -7.22
C SER B 102 4.62 -10.27 -8.35
N LYS B 103 4.04 -10.05 -9.54
CA LYS B 103 4.36 -10.88 -10.69
C LYS B 103 5.83 -10.77 -11.05
N PHE B 104 6.35 -9.54 -11.09
CA PHE B 104 7.77 -9.32 -11.33
C PHE B 104 8.62 -10.22 -10.46
N MET B 105 8.47 -10.07 -9.14
CA MET B 105 9.42 -10.72 -8.23
C MET B 105 9.21 -12.23 -8.22
N THR B 106 7.96 -12.70 -8.23
CA THR B 106 7.75 -14.15 -8.22
C THR B 106 8.27 -14.81 -9.48
N HIS B 107 8.02 -14.21 -10.65
CA HIS B 107 8.52 -14.78 -11.89
C HIS B 107 10.04 -14.79 -11.92
N VAL B 108 10.67 -13.68 -11.54
CA VAL B 108 12.14 -13.62 -11.55
C VAL B 108 12.71 -14.67 -10.61
N ALA B 109 12.20 -14.74 -9.38
CA ALA B 109 12.74 -15.68 -8.40
C ALA B 109 12.56 -17.12 -8.86
N SER B 110 11.36 -17.48 -9.33
CA SER B 110 11.10 -18.86 -9.73
C SER B 110 11.97 -19.25 -10.93
N GLN B 111 12.05 -18.38 -11.94
CA GLN B 111 12.85 -18.71 -13.12
C GLN B 111 14.32 -18.86 -12.75
N PHE B 112 14.85 -17.96 -11.93
CA PHE B 112 16.25 -18.04 -11.53
C PHE B 112 16.52 -19.32 -10.74
N ALA B 113 15.64 -19.64 -9.78
CA ALA B 113 15.86 -20.81 -8.94
C ALA B 113 15.74 -22.10 -9.73
N SER B 114 14.86 -22.15 -10.74
CA SER B 114 14.78 -23.34 -11.56
C SER B 114 15.98 -23.46 -12.48
N SER B 115 16.42 -22.34 -13.08
CA SER B 115 17.58 -22.38 -13.97
C SER B 115 18.84 -22.77 -13.22
N TYR B 116 18.95 -22.40 -11.94
CA TYR B 116 20.12 -22.78 -11.16
C TYR B 116 20.27 -24.30 -11.11
N VAL B 117 19.23 -24.98 -10.63
CA VAL B 117 19.26 -26.44 -10.55
C VAL B 117 19.36 -27.07 -11.93
N PHE B 118 18.78 -26.43 -12.95
CA PHE B 118 18.83 -26.98 -14.29
C PHE B 118 20.26 -26.98 -14.83
N TYR B 119 20.93 -25.82 -14.81
CA TYR B 119 22.26 -25.66 -15.38
C TYR B 119 23.39 -25.93 -14.39
N TRP B 120 23.07 -26.45 -13.20
CA TRP B 120 24.12 -26.85 -12.25
C TRP B 120 25.19 -27.73 -12.89
N ARG B 121 24.76 -28.75 -13.64
CA ARG B 121 25.71 -29.72 -14.17
C ARG B 121 26.65 -29.12 -15.21
N ASP B 122 26.17 -28.17 -16.01
CA ASP B 122 26.99 -27.63 -17.08
C ASP B 122 28.27 -27.01 -16.54
N TYR B 123 28.21 -26.42 -15.36
CA TYR B 123 29.36 -25.75 -14.78
C TYR B 123 29.99 -26.55 -13.65
N PHE B 124 29.23 -27.42 -13.02
CA PHE B 124 29.70 -28.30 -11.94
C PHE B 124 29.57 -29.74 -12.43
N GLU B 125 30.45 -30.16 -13.34
CA GLU B 125 30.41 -31.53 -13.83
C GLU B 125 30.84 -32.51 -12.75
N ASP B 126 31.92 -32.19 -12.05
CA ASP B 126 32.41 -33.06 -10.99
C ASP B 126 31.59 -32.92 -9.72
N GLN B 127 31.20 -31.71 -9.38
CA GLN B 127 30.52 -31.45 -8.11
C GLN B 127 29.07 -31.93 -8.15
N PRO B 128 28.59 -32.59 -7.08
CA PRO B 128 27.17 -32.92 -7.01
C PRO B 128 26.37 -31.93 -6.17
N LEU B 129 25.21 -31.52 -6.67
CA LEU B 129 24.33 -30.65 -5.92
C LEU B 129 23.72 -31.39 -4.74
N LEU B 130 23.96 -30.90 -3.52
CA LEU B 130 23.49 -31.61 -2.34
C LEU B 130 22.01 -31.35 -2.05
N TYR B 131 21.56 -30.11 -2.22
CA TYR B 131 20.17 -29.77 -1.92
C TYR B 131 19.77 -28.60 -2.80
N PRO B 132 18.46 -28.37 -2.99
CA PRO B 132 18.00 -27.22 -3.77
C PRO B 132 18.08 -25.94 -2.97
N PRO B 133 18.70 -24.90 -3.52
CA PRO B 133 18.87 -23.65 -2.77
C PRO B 133 17.61 -22.80 -2.78
N GLY B 134 17.58 -21.85 -1.85
CA GLY B 134 16.50 -20.89 -1.76
C GLY B 134 17.00 -19.49 -2.09
N PHE B 135 16.08 -18.65 -2.57
CA PHE B 135 16.39 -17.28 -2.93
C PHE B 135 15.32 -16.34 -2.39
N ASP B 136 15.71 -15.09 -2.15
CA ASP B 136 14.78 -14.04 -1.77
C ASP B 136 14.90 -12.86 -2.73
N GLY B 137 13.82 -12.10 -2.87
CA GLY B 137 13.79 -10.98 -3.79
C GLY B 137 13.12 -9.77 -3.17
N ARG B 138 13.04 -8.71 -3.97
CA ARG B 138 12.47 -7.44 -3.57
C ARG B 138 12.34 -6.57 -4.80
N VAL B 139 11.48 -5.56 -4.71
CA VAL B 139 11.22 -4.62 -5.79
C VAL B 139 11.54 -3.22 -5.29
N VAL B 140 12.19 -2.43 -6.16
CA VAL B 140 12.51 -1.04 -5.86
C VAL B 140 12.12 -0.20 -7.06
N VAL B 141 11.48 0.94 -6.80
CA VAL B 141 10.99 1.84 -7.84
C VAL B 141 11.84 3.11 -7.81
N TYR B 142 12.40 3.47 -8.97
CA TYR B 142 13.24 4.64 -9.10
C TYR B 142 12.62 5.63 -10.08
N PRO B 143 12.42 6.89 -9.69
CA PRO B 143 11.71 7.83 -10.58
C PRO B 143 12.55 8.44 -11.68
N SER B 144 13.87 8.51 -11.52
CA SER B 144 14.74 9.19 -12.46
C SER B 144 15.89 8.29 -12.86
N ASN B 145 16.53 8.63 -13.98
CA ASN B 145 17.70 7.88 -14.42
C ASN B 145 18.88 8.05 -13.46
N GLN B 146 18.97 9.22 -12.81
CA GLN B 146 20.08 9.45 -11.88
C GLN B 146 20.03 8.50 -10.70
N THR B 147 18.85 8.25 -10.15
CA THR B 147 18.74 7.35 -9.00
C THR B 147 19.07 5.92 -9.40
N LEU B 148 18.64 5.49 -10.59
CA LEU B 148 18.99 4.16 -11.06
C LEU B 148 20.51 4.02 -11.28
N LYS B 149 21.12 5.03 -11.90
CA LYS B 149 22.56 5.07 -12.06
C LYS B 149 23.26 4.97 -10.71
N ASP B 150 22.74 5.68 -9.69
CA ASP B 150 23.33 5.66 -8.37
C ASP B 150 23.18 4.30 -7.71
N TYR B 151 22.05 3.63 -7.92
CA TYR B 151 21.87 2.28 -7.39
C TYR B 151 22.87 1.31 -8.02
N LEU B 152 23.02 1.37 -9.35
CA LEU B 152 23.98 0.50 -10.01
C LEU B 152 25.40 0.78 -9.54
N SER B 153 25.75 2.06 -9.37
CA SER B 153 27.06 2.42 -8.87
C SER B 153 27.26 1.91 -7.45
N TRP B 154 26.21 1.96 -6.63
CA TRP B 154 26.26 1.40 -5.29
C TRP B 154 26.57 -0.09 -5.32
N ARG B 155 25.88 -0.83 -6.18
CA ARG B 155 26.13 -2.26 -6.29
C ARG B 155 27.55 -2.54 -6.74
N GLN B 156 28.06 -1.79 -7.72
CA GLN B 156 29.41 -2.05 -8.22
C GLN B 156 30.46 -1.69 -7.16
N ALA B 157 30.24 -0.61 -6.41
CA ALA B 157 31.16 -0.23 -5.36
C ALA B 157 31.17 -1.27 -4.24
N ASP B 158 29.99 -1.79 -3.89
CA ASP B 158 29.91 -2.88 -2.93
C ASP B 158 30.70 -4.10 -3.43
N CYS B 159 30.55 -4.44 -4.71
CA CYS B 159 31.33 -5.53 -5.30
C CYS B 159 32.82 -5.30 -5.13
N HIS B 160 33.29 -4.11 -5.49
CA HIS B 160 34.72 -3.82 -5.43
C HIS B 160 35.24 -3.90 -4.00
N ILE B 161 34.51 -3.32 -3.04
CA ILE B 161 34.96 -3.33 -1.66
C ILE B 161 34.99 -4.74 -1.10
N ASN B 162 33.93 -5.53 -1.35
CA ASN B 162 33.91 -6.89 -0.84
C ASN B 162 35.02 -7.73 -1.45
N ASN B 163 35.29 -7.56 -2.75
CA ASN B 163 36.36 -8.34 -3.36
C ASN B 163 37.73 -7.93 -2.81
N LEU B 164 37.95 -6.62 -2.65
CA LEU B 164 39.23 -6.14 -2.12
C LEU B 164 39.44 -6.61 -0.68
N TYR B 165 38.38 -6.72 0.10
CA TYR B 165 38.53 -7.24 1.46
C TYR B 165 38.76 -8.75 1.44
N ASN B 166 37.93 -9.50 0.71
CA ASN B 166 38.00 -10.95 0.75
C ASN B 166 39.29 -11.48 0.14
N THR B 167 39.85 -10.80 -0.87
CA THR B 167 41.10 -11.26 -1.46
C THR B 167 42.21 -11.33 -0.41
N VAL B 168 42.43 -10.23 0.31
CA VAL B 168 43.48 -10.21 1.33
C VAL B 168 43.06 -11.01 2.55
N PHE B 169 41.75 -11.15 2.80
CA PHE B 169 41.30 -11.93 3.94
C PHE B 169 41.62 -13.41 3.77
N TRP B 170 41.29 -13.96 2.59
CA TRP B 170 41.62 -15.36 2.30
C TRP B 170 43.09 -15.55 1.93
N ALA B 171 43.78 -14.48 1.53
CA ALA B 171 45.22 -14.58 1.34
C ALA B 171 45.95 -14.75 2.67
N LEU B 172 45.42 -14.16 3.74
CA LEU B 172 46.00 -14.35 5.07
C LEU B 172 45.65 -15.70 5.67
N ILE B 173 44.54 -16.32 5.24
CA ILE B 173 44.15 -17.62 5.76
C ILE B 173 44.81 -18.75 4.99
N GLN B 174 44.85 -18.65 3.65
CA GLN B 174 45.32 -19.75 2.81
C GLN B 174 46.84 -19.73 2.65
N GLN B 175 47.39 -18.61 2.18
CA GLN B 175 48.82 -18.51 1.91
C GLN B 175 49.64 -18.04 3.10
N SER B 176 49.00 -17.69 4.21
CA SER B 176 49.71 -17.27 5.42
C SER B 176 49.37 -18.08 6.65
N GLY B 177 48.28 -18.86 6.63
CA GLY B 177 47.93 -19.70 7.76
C GLY B 177 47.48 -18.94 9.00
N LEU B 178 46.46 -18.10 8.84
CA LEU B 178 45.88 -17.35 9.94
C LEU B 178 44.42 -17.72 10.10
N THR B 179 43.97 -17.84 11.34
CA THR B 179 42.56 -18.08 11.61
C THR B 179 41.74 -16.84 11.23
N PRO B 180 40.44 -17.02 10.94
CA PRO B 180 39.62 -15.86 10.54
C PRO B 180 39.67 -14.69 11.52
N VAL B 181 39.67 -14.97 12.84
CA VAL B 181 39.74 -13.90 13.82
C VAL B 181 41.04 -13.11 13.68
N GLN B 182 42.14 -13.81 13.40
CA GLN B 182 43.43 -13.14 13.26
C GLN B 182 43.44 -12.20 12.05
N ALA B 183 42.97 -12.70 10.91
CA ALA B 183 42.92 -11.87 9.71
C ALA B 183 41.99 -10.68 9.87
N GLN B 184 40.84 -10.89 10.54
CA GLN B 184 39.90 -9.78 10.71
C GLN B 184 40.42 -8.75 11.71
N GLY B 185 41.16 -9.18 12.73
CA GLY B 185 41.78 -8.22 13.63
C GLY B 185 42.96 -7.50 12.99
N ARG B 186 43.65 -8.16 12.06
CA ARG B 186 44.74 -7.50 11.34
C ARG B 186 44.23 -6.50 10.31
N LEU B 187 43.08 -6.77 9.70
CA LEU B 187 42.55 -5.92 8.66
C LEU B 187 41.69 -4.77 9.19
N GLN B 188 41.37 -4.74 10.48
CA GLN B 188 40.55 -3.67 11.03
C GLN B 188 41.28 -2.33 10.94
N GLY B 189 40.61 -1.34 10.34
CA GLY B 189 41.15 -0.01 10.24
C GLY B 189 41.98 0.27 9.00
N THR B 190 42.19 -0.73 8.14
CA THR B 190 43.00 -0.54 6.95
C THR B 190 42.21 0.17 5.86
N LEU B 191 42.92 0.95 5.06
CA LEU B 191 42.33 1.68 3.94
C LEU B 191 42.46 0.86 2.66
N ALA B 192 42.14 1.47 1.52
CA ALA B 192 42.28 0.78 0.24
C ALA B 192 43.75 0.56 -0.11
N ALA B 193 44.55 1.63 -0.07
CA ALA B 193 45.97 1.50 -0.31
C ALA B 193 46.63 0.59 0.72
N ASP B 194 46.06 0.51 1.93
CA ASP B 194 46.60 -0.39 2.94
C ASP B 194 46.51 -1.84 2.49
N LYS B 195 45.32 -2.28 2.07
CA LYS B 195 45.15 -3.64 1.59
C LYS B 195 45.96 -3.87 0.32
N ASN B 196 45.99 -2.89 -0.58
CA ASN B 196 46.76 -3.04 -1.81
C ASN B 196 48.24 -3.24 -1.51
N GLU B 197 48.78 -2.52 -0.52
CA GLU B 197 50.19 -2.66 -0.18
C GLU B 197 50.47 -3.97 0.55
N ILE B 198 49.56 -4.37 1.46
CA ILE B 198 49.71 -5.67 2.11
C ILE B 198 49.77 -6.78 1.06
N LEU B 199 48.90 -6.71 0.05
CA LEU B 199 48.90 -7.72 -1.00
C LEU B 199 50.19 -7.65 -1.83
N PHE B 200 50.57 -6.45 -2.26
CA PHE B 200 51.73 -6.31 -3.15
C PHE B 200 53.03 -6.71 -2.45
N SER B 201 53.13 -6.51 -1.14
CA SER B 201 54.39 -6.71 -0.43
C SER B 201 54.46 -8.01 0.35
N GLU B 202 53.31 -8.58 0.75
CA GLU B 202 53.29 -9.81 1.54
C GLU B 202 53.04 -11.05 0.70
N PHE B 203 52.43 -10.92 -0.48
CA PHE B 203 52.13 -12.07 -1.33
C PHE B 203 52.54 -11.88 -2.78
N ASN B 204 53.07 -10.71 -3.15
CA ASN B 204 53.45 -10.41 -4.53
C ASN B 204 52.25 -10.53 -5.48
N ILE B 205 51.07 -10.20 -4.99
CA ILE B 205 49.83 -10.23 -5.76
C ILE B 205 49.37 -8.79 -5.96
N ASN B 206 49.28 -8.37 -7.21
CA ASN B 206 48.76 -7.04 -7.53
C ASN B 206 47.25 -7.13 -7.72
N TYR B 207 46.51 -6.39 -6.88
CA TYR B 207 45.05 -6.45 -6.92
C TYR B 207 44.50 -5.96 -8.25
N ASN B 208 45.19 -5.01 -8.90
CA ASN B 208 44.70 -4.47 -10.16
C ASN B 208 44.69 -5.53 -11.27
N ASN B 209 45.62 -6.48 -11.21
CA ASN B 209 45.70 -7.54 -12.21
C ASN B 209 44.64 -8.63 -12.03
N GLU B 210 43.89 -8.61 -10.94
CA GLU B 210 42.87 -9.62 -10.71
C GLU B 210 41.83 -9.63 -11.83
N LEU B 211 41.20 -10.78 -12.01
CA LEU B 211 40.23 -10.99 -13.09
C LEU B 211 39.17 -9.89 -13.06
N PRO B 212 38.78 -9.36 -14.22
CA PRO B 212 37.78 -8.26 -14.23
C PRO B 212 36.40 -8.69 -13.77
N MET B 213 36.12 -9.99 -13.69
CA MET B 213 34.82 -10.45 -13.20
C MET B 213 34.75 -10.47 -11.68
N TYR B 214 35.88 -10.40 -10.98
CA TYR B 214 35.89 -10.49 -9.53
C TYR B 214 35.77 -9.12 -8.86
N ARG B 215 36.42 -8.10 -9.41
CA ARG B 215 36.45 -6.78 -8.80
C ARG B 215 35.51 -5.77 -9.48
N LYS B 216 34.75 -6.20 -10.48
CA LYS B 216 33.81 -5.33 -11.17
C LYS B 216 32.41 -5.93 -11.30
N GLY B 217 32.23 -7.22 -11.03
CA GLY B 217 30.95 -7.86 -11.18
C GLY B 217 30.71 -8.35 -12.59
N THR B 218 29.45 -8.41 -13.02
CA THR B 218 29.10 -8.80 -14.36
C THR B 218 27.91 -7.97 -14.82
N VAL B 219 27.95 -7.51 -16.07
CA VAL B 219 26.85 -6.76 -16.67
C VAL B 219 26.29 -7.60 -17.80
N LEU B 220 24.98 -7.47 -18.03
CA LEU B 220 24.29 -8.22 -19.07
C LEU B 220 23.42 -7.26 -19.86
N ILE B 221 23.72 -7.12 -21.16
CA ILE B 221 23.02 -6.20 -22.04
C ILE B 221 22.77 -6.88 -23.38
N TRP B 222 21.69 -6.50 -24.04
CA TRP B 222 21.37 -7.07 -25.34
C TRP B 222 22.30 -6.55 -26.43
N GLN B 223 22.90 -7.47 -27.19
CA GLN B 223 23.73 -7.10 -28.34
C GLN B 223 23.51 -8.11 -29.47
N LYS B 224 23.94 -7.71 -30.65
CA LYS B 224 23.71 -8.44 -31.90
C LYS B 224 24.91 -9.32 -32.23
N VAL B 225 24.67 -10.62 -32.40
CA VAL B 225 25.73 -11.57 -32.72
C VAL B 225 25.74 -11.89 -34.21
N THR B 249 23.06 -13.81 -35.57
CA THR B 249 22.65 -12.51 -36.09
C THR B 249 21.60 -11.86 -35.19
N ARG B 250 20.75 -12.68 -34.58
CA ARG B 250 19.74 -12.18 -33.66
C ARG B 250 20.39 -11.64 -32.38
N THR B 251 19.58 -10.94 -31.59
CA THR B 251 20.06 -10.32 -30.36
C THR B 251 19.94 -11.29 -29.19
N LYS B 252 20.93 -11.23 -28.29
CA LYS B 252 20.97 -12.07 -27.11
C LYS B 252 21.66 -11.29 -26.00
N PRO B 253 21.40 -11.63 -24.73
CA PRO B 253 22.05 -10.91 -23.63
C PRO B 253 23.50 -11.30 -23.44
N VAL B 254 24.41 -10.47 -23.93
CA VAL B 254 25.84 -10.71 -23.80
C VAL B 254 26.33 -10.17 -22.47
N PRO B 255 27.33 -10.82 -21.85
CA PRO B 255 27.93 -10.29 -20.63
C PRO B 255 29.14 -9.40 -20.90
N LEU B 256 29.41 -8.54 -19.92
CA LEU B 256 30.54 -7.63 -19.92
C LEU B 256 31.06 -7.55 -18.50
N HIS B 257 32.29 -7.04 -18.36
CA HIS B 257 32.91 -6.88 -17.05
C HIS B 257 33.59 -5.52 -16.93
N CYS B 258 32.92 -4.47 -17.40
CA CYS B 258 33.46 -3.13 -17.41
C CYS B 258 32.84 -2.30 -16.29
N ASP B 259 33.39 -1.09 -16.11
CA ASP B 259 32.91 -0.18 -15.08
C ASP B 259 31.63 0.51 -15.54
N ILE B 260 30.61 0.49 -14.68
CA ILE B 260 29.33 1.12 -14.98
C ILE B 260 29.08 2.37 -14.15
N ILE B 261 30.05 2.80 -13.36
CA ILE B 261 29.90 4.03 -12.59
C ILE B 261 30.31 5.26 -13.41
N GLY B 262 31.25 5.09 -14.35
CA GLY B 262 31.71 6.22 -15.13
C GLY B 262 30.80 6.50 -16.32
N ASP B 263 30.70 7.79 -16.65
CA ASP B 263 29.84 8.23 -17.75
C ASP B 263 30.22 7.63 -19.09
N ALA B 264 31.46 7.16 -19.22
CA ALA B 264 31.90 6.56 -20.49
C ALA B 264 31.03 5.37 -20.87
N PHE B 265 30.74 4.49 -19.90
CA PHE B 265 29.91 3.32 -20.17
C PHE B 265 28.55 3.71 -20.74
N TRP B 266 27.93 4.76 -20.18
CA TRP B 266 26.60 5.13 -20.62
C TRP B 266 26.64 5.89 -21.95
N LYS B 267 27.67 6.70 -22.17
CA LYS B 267 27.86 7.31 -23.48
C LYS B 267 28.14 6.27 -24.57
N GLU B 268 28.66 5.11 -24.19
CA GLU B 268 28.93 4.06 -25.16
C GLU B 268 27.67 3.29 -25.52
N HIS B 269 26.68 3.27 -24.61
CA HIS B 269 25.43 2.56 -24.83
C HIS B 269 24.28 3.53 -24.52
N PRO B 270 23.92 4.39 -25.47
CA PRO B 270 22.84 5.35 -25.21
C PRO B 270 21.44 4.76 -25.26
N GLU B 271 21.24 3.64 -25.97
CA GLU B 271 19.90 3.10 -26.17
C GLU B 271 19.27 2.56 -24.89
N ILE B 272 20.07 2.19 -23.89
CA ILE B 272 19.55 1.59 -22.66
C ILE B 272 18.86 2.64 -21.77
N LEU B 273 19.40 3.86 -21.74
CA LEU B 273 18.85 4.90 -20.87
C LEU B 273 17.74 5.68 -21.56
N ASP B 274 18.01 6.19 -22.75
CA ASP B 274 17.02 6.93 -23.53
C ASP B 274 16.37 5.93 -24.49
N GLU B 275 15.13 5.55 -24.18
CA GLU B 275 14.43 4.56 -24.98
C GLU B 275 12.97 4.96 -25.17
N SER C 12 2.12 0.64 29.82
CA SER C 12 1.13 0.81 28.77
C SER C 12 0.14 -0.37 28.73
N LYS C 13 0.53 -1.45 28.04
CA LYS C 13 -0.22 -2.70 27.85
C LYS C 13 -1.34 -2.54 26.84
N PHE C 14 -1.48 -1.36 26.23
CA PHE C 14 -2.49 -1.11 25.22
C PHE C 14 -1.91 -0.51 23.96
N GLU C 15 -0.63 -0.13 23.95
CA GLU C 15 -0.01 0.56 22.83
C GLU C 15 0.12 -0.33 21.60
N TYR C 16 0.00 -1.65 21.75
CA TYR C 16 0.24 -2.55 20.62
C TYR C 16 -0.70 -2.27 19.46
N VAL C 17 -1.87 -1.68 19.71
CA VAL C 17 -2.80 -1.37 18.62
C VAL C 17 -2.15 -0.43 17.61
N ARG C 18 -1.21 0.41 18.05
CA ARG C 18 -0.54 1.33 17.14
C ARG C 18 0.23 0.59 16.04
N ASP C 19 0.55 -0.68 16.26
CA ASP C 19 1.23 -1.46 15.21
C ASP C 19 0.36 -1.63 13.97
N PHE C 20 -0.96 -1.53 14.10
CA PHE C 20 -1.83 -1.73 12.93
C PHE C 20 -1.85 -0.53 12.00
N GLU C 21 -1.09 0.52 12.28
CA GLU C 21 -1.03 1.68 11.40
C GLU C 21 -0.12 1.37 10.22
N ALA C 22 -0.68 1.37 9.02
CA ALA C 22 0.09 1.12 7.81
C ALA C 22 0.83 2.37 7.36
N ASP C 23 1.89 2.17 6.60
CA ASP C 23 2.67 3.29 6.10
C ASP C 23 2.16 3.74 4.74
N ASP C 24 2.23 5.05 4.49
CA ASP C 24 1.80 5.64 3.23
C ASP C 24 2.80 6.67 2.73
N THR C 25 4.09 6.45 3.00
CA THR C 25 5.11 7.40 2.57
C THR C 25 5.14 7.50 1.06
N CYS C 26 5.20 8.73 0.55
CA CYS C 26 5.25 8.95 -0.88
C CYS C 26 6.67 8.75 -1.40
N LEU C 27 6.76 8.29 -2.64
CA LEU C 27 8.06 8.03 -3.26
C LEU C 27 8.91 9.30 -3.23
N ALA C 28 10.15 9.17 -2.76
CA ALA C 28 11.05 10.31 -2.67
C ALA C 28 11.36 10.88 -4.05
N HIS C 29 11.75 12.15 -4.06
CA HIS C 29 12.12 12.87 -5.29
C HIS C 29 10.98 12.95 -6.29
N CYS C 30 9.74 13.06 -5.80
CA CYS C 30 8.56 13.07 -6.65
C CYS C 30 7.60 14.17 -6.21
N TRP C 31 6.93 14.77 -7.19
CA TRP C 31 5.94 15.81 -6.91
C TRP C 31 4.73 15.21 -6.21
N VAL C 32 4.28 15.86 -5.13
CA VAL C 32 3.06 15.49 -4.43
C VAL C 32 1.97 16.48 -4.79
N VAL C 33 0.78 15.98 -5.11
CA VAL C 33 -0.34 16.81 -5.52
C VAL C 33 -1.57 16.43 -4.71
N VAL C 34 -2.21 17.42 -4.10
CA VAL C 34 -3.44 17.22 -3.34
C VAL C 34 -4.57 17.96 -4.04
N ARG C 35 -5.63 17.24 -4.41
CA ARG C 35 -6.77 17.83 -5.10
C ARG C 35 -8.00 17.77 -4.20
N LEU C 36 -8.53 18.94 -3.85
CA LEU C 36 -9.77 19.08 -3.11
C LEU C 36 -10.94 19.32 -4.05
N ASP C 37 -12.07 18.70 -3.72
CA ASP C 37 -13.30 18.81 -4.49
C ASP C 37 -14.47 18.90 -3.52
N GLY C 38 -15.34 19.88 -3.71
CA GLY C 38 -16.47 20.03 -2.82
C GLY C 38 -17.44 18.87 -2.95
N ARG C 39 -18.02 18.46 -1.83
CA ARG C 39 -18.97 17.35 -1.81
C ARG C 39 -20.39 17.88 -1.94
N ASN C 40 -21.16 17.31 -2.86
CA ASN C 40 -22.55 17.69 -3.08
C ASN C 40 -22.70 19.19 -3.31
N PHE C 41 -21.72 19.79 -4.00
CA PHE C 41 -21.74 21.23 -4.16
C PHE C 41 -22.80 21.71 -5.15
N HIS C 42 -23.37 20.82 -5.98
CA HIS C 42 -24.50 21.22 -6.80
C HIS C 42 -25.67 21.67 -5.95
N ARG C 43 -26.06 20.84 -4.97
CA ARG C 43 -27.12 21.21 -4.04
C ARG C 43 -26.74 22.43 -3.22
N PHE C 44 -25.45 22.58 -2.88
CA PHE C 44 -25.01 23.75 -2.12
C PHE C 44 -25.22 25.03 -2.92
N ALA C 45 -24.76 25.04 -4.18
CA ALA C 45 -24.99 26.20 -5.04
C ALA C 45 -26.46 26.43 -5.30
N GLU C 46 -27.27 25.36 -5.27
CA GLU C 46 -28.70 25.50 -5.44
C GLU C 46 -29.32 26.24 -4.26
N LYS C 47 -28.99 25.82 -3.03
CA LYS C 47 -29.60 26.40 -1.85
C LYS C 47 -29.16 27.83 -1.58
N HIS C 48 -28.04 28.26 -2.15
CA HIS C 48 -27.47 29.57 -1.85
C HIS C 48 -27.54 30.53 -3.04
N ASN C 49 -28.30 30.19 -4.08
CA ASN C 49 -28.56 31.10 -5.21
C ASN C 49 -27.26 31.56 -5.86
N PHE C 50 -26.52 30.60 -6.39
CA PHE C 50 -25.29 30.89 -7.11
C PHE C 50 -25.62 31.38 -8.51
N ALA C 51 -24.81 32.32 -9.01
CA ALA C 51 -25.05 32.90 -10.31
C ALA C 51 -24.56 31.97 -11.41
N LYS C 52 -25.37 31.85 -12.47
CA LYS C 52 -25.07 31.04 -13.65
C LYS C 52 -24.65 31.93 -14.81
N PRO C 53 -23.64 31.51 -15.60
CA PRO C 53 -22.91 30.23 -15.45
C PRO C 53 -21.75 30.30 -14.46
N ASN C 54 -21.37 31.50 -14.05
CA ASN C 54 -20.26 31.70 -13.12
C ASN C 54 -20.66 32.69 -12.03
N ASP C 55 -20.12 32.48 -10.83
CA ASP C 55 -20.39 33.34 -9.69
C ASP C 55 -19.06 33.83 -9.13
N SER C 56 -18.83 35.14 -9.19
CA SER C 56 -17.56 35.70 -8.76
C SER C 56 -17.30 35.47 -7.28
N ARG C 57 -18.37 35.56 -6.46
CA ARG C 57 -18.21 35.39 -5.02
C ARG C 57 -17.64 34.03 -4.67
N ALA C 58 -18.19 32.98 -5.26
CA ALA C 58 -17.74 31.62 -4.96
C ALA C 58 -16.29 31.42 -5.38
N LEU C 59 -15.93 31.86 -6.59
CA LEU C 59 -14.58 31.66 -7.08
C LEU C 59 -13.56 32.41 -6.21
N GLN C 60 -13.88 33.66 -5.85
CA GLN C 60 -12.96 34.43 -5.03
C GLN C 60 -12.84 33.84 -3.62
N LEU C 61 -13.94 33.31 -3.06
CA LEU C 61 -13.86 32.70 -1.74
C LEU C 61 -13.03 31.42 -1.77
N MET C 62 -13.18 30.62 -2.84
CA MET C 62 -12.32 29.46 -3.03
C MET C 62 -10.85 29.87 -3.10
N THR C 63 -10.56 30.94 -3.83
CA THR C 63 -9.18 31.41 -3.93
C THR C 63 -8.65 31.86 -2.57
N LYS C 64 -9.50 32.51 -1.76
CA LYS C 64 -9.07 32.96 -0.45
C LYS C 64 -8.77 31.76 0.47
N CYS C 65 -9.63 30.75 0.46
CA CYS C 65 -9.35 29.54 1.22
C CYS C 65 -8.06 28.86 0.75
N ALA C 66 -7.84 28.83 -0.56
CA ALA C 66 -6.61 28.22 -1.08
C ALA C 66 -5.38 28.99 -0.63
N GLN C 67 -5.47 30.33 -0.60
CA GLN C 67 -4.35 31.12 -0.09
C GLN C 67 -4.10 30.83 1.38
N THR C 68 -5.16 30.75 2.19
CA THR C 68 -4.98 30.41 3.60
C THR C 68 -4.31 29.06 3.75
N VAL C 69 -4.70 28.08 2.92
CA VAL C 69 -4.06 26.77 2.96
C VAL C 69 -2.59 26.87 2.60
N MET C 70 -2.27 27.65 1.56
CA MET C 70 -0.86 27.81 1.18
C MET C 70 -0.05 28.50 2.26
N GLU C 71 -0.69 29.32 3.07
CA GLU C 71 0.04 30.05 4.11
C GLU C 71 0.20 29.23 5.39
N GLU C 72 -0.80 28.44 5.77
CA GLU C 72 -0.71 27.66 7.01
C GLU C 72 0.18 26.44 6.87
N LEU C 73 0.32 25.89 5.67
CA LEU C 73 1.18 24.75 5.44
C LEU C 73 2.49 25.22 4.80
N GLU C 74 3.35 24.28 4.42
CA GLU C 74 4.65 24.59 3.86
C GLU C 74 4.88 23.83 2.56
N ASP C 75 5.90 24.25 1.83
CA ASP C 75 6.41 23.60 0.62
C ASP C 75 5.39 23.54 -0.50
N ILE C 76 4.38 24.42 -0.49
CA ILE C 76 3.41 24.51 -1.57
C ILE C 76 3.96 25.51 -2.60
N VAL C 77 4.37 25.02 -3.76
CA VAL C 77 5.00 25.89 -4.75
C VAL C 77 4.01 26.48 -5.75
N ILE C 78 2.82 25.90 -5.88
CA ILE C 78 1.83 26.41 -6.83
C ILE C 78 0.46 25.83 -6.50
N ALA C 79 -0.58 26.61 -6.78
CA ALA C 79 -1.95 26.13 -6.64
C ALA C 79 -2.76 26.50 -7.88
N TYR C 80 -3.78 25.68 -8.17
CA TYR C 80 -4.67 25.96 -9.29
C TYR C 80 -6.11 25.66 -8.88
N GLY C 81 -7.00 26.60 -9.16
CA GLY C 81 -8.37 26.48 -8.74
C GLY C 81 -9.37 26.74 -9.85
N GLN C 82 -10.55 26.18 -9.67
CA GLN C 82 -11.68 26.33 -10.56
C GLN C 82 -12.94 26.09 -9.73
N SER C 83 -14.09 26.18 -10.39
CA SER C 83 -15.37 26.01 -9.72
C SER C 83 -15.37 24.77 -8.84
N ASP C 84 -15.59 24.98 -7.54
CA ASP C 84 -15.67 23.92 -6.53
C ASP C 84 -14.52 22.90 -6.62
N GLU C 85 -13.32 23.35 -7.02
CA GLU C 85 -12.18 22.44 -6.98
C GLU C 85 -10.88 23.23 -6.88
N TYR C 86 -9.89 22.62 -6.23
CA TYR C 86 -8.56 23.20 -6.11
C TYR C 86 -7.52 22.09 -6.08
N SER C 87 -6.30 22.45 -6.47
CA SER C 87 -5.16 21.53 -6.48
C SER C 87 -3.94 22.28 -5.97
N PHE C 88 -3.18 21.60 -5.11
CA PHE C 88 -1.97 22.14 -4.51
C PHE C 88 -0.80 21.23 -4.86
N VAL C 89 0.32 21.81 -5.30
CA VAL C 89 1.50 21.04 -5.67
C VAL C 89 2.59 21.33 -4.66
N PHE C 90 2.96 20.31 -3.88
CA PHE C 90 4.10 20.42 -2.97
C PHE C 90 5.40 20.13 -3.71
N LYS C 91 6.48 20.79 -3.28
CA LYS C 91 7.77 20.61 -3.92
C LYS C 91 8.26 19.18 -3.77
N ARG C 92 8.95 18.68 -4.80
CA ARG C 92 9.27 17.25 -4.88
C ARG C 92 10.32 16.84 -3.85
N LYS C 93 11.24 17.74 -3.49
CA LYS C 93 12.27 17.41 -2.53
C LYS C 93 11.87 17.74 -1.09
N THR C 94 10.57 17.81 -0.81
CA THR C 94 10.11 18.12 0.53
C THR C 94 10.37 16.97 1.49
N ASN C 95 10.41 17.30 2.77
CA ASN C 95 10.51 16.31 3.83
C ASN C 95 9.44 16.52 4.88
N TRP C 96 8.43 17.35 4.58
CA TRP C 96 7.39 17.69 5.54
C TRP C 96 6.61 16.44 5.93
N PHE C 97 6.49 16.21 7.24
CA PHE C 97 5.74 15.07 7.79
C PHE C 97 6.27 13.73 7.27
N LYS C 98 7.55 13.68 6.92
CA LYS C 98 8.17 12.48 6.36
C LYS C 98 7.42 11.98 5.11
N ARG C 99 6.82 12.91 4.35
CA ARG C 99 6.14 12.59 3.10
C ARG C 99 4.98 11.63 3.31
N ARG C 100 4.33 11.71 4.48
CA ARG C 100 3.14 10.91 4.76
C ARG C 100 1.93 11.56 4.10
N ALA C 101 1.41 10.92 3.04
CA ALA C 101 0.31 11.50 2.28
C ALA C 101 -0.90 11.80 3.15
N SER C 102 -1.16 10.96 4.14
CA SER C 102 -2.30 11.15 5.03
C SER C 102 -2.28 12.52 5.68
N LYS C 103 -1.12 12.91 6.21
CA LYS C 103 -0.99 14.22 6.85
C LYS C 103 -1.24 15.35 5.87
N PHE C 104 -0.63 15.26 4.68
CA PHE C 104 -0.84 16.23 3.62
C PHE C 104 -2.33 16.46 3.36
N MET C 105 -3.04 15.39 3.03
CA MET C 105 -4.42 15.55 2.59
C MET C 105 -5.34 15.97 3.73
N THR C 106 -5.16 15.40 4.93
CA THR C 106 -6.03 15.79 6.04
C THR C 106 -5.80 17.25 6.42
N HIS C 107 -4.54 17.70 6.45
CA HIS C 107 -4.27 19.10 6.77
C HIS C 107 -4.89 20.02 5.73
N VAL C 108 -4.70 19.71 4.44
CA VAL C 108 -5.26 20.56 3.39
C VAL C 108 -6.78 20.62 3.51
N ALA C 109 -7.43 19.46 3.64
CA ALA C 109 -8.89 19.42 3.70
C ALA C 109 -9.43 20.17 4.91
N SER C 110 -8.87 19.92 6.09
CA SER C 110 -9.37 20.56 7.30
C SER C 110 -9.18 22.07 7.25
N GLN C 111 -7.98 22.52 6.84
CA GLN C 111 -7.72 23.95 6.79
C GLN C 111 -8.66 24.63 5.80
N PHE C 112 -8.83 24.04 4.61
CA PHE C 112 -9.71 24.63 3.61
C PHE C 112 -11.16 24.70 4.11
N ALA C 113 -11.64 23.60 4.71
CA ALA C 113 -13.03 23.56 5.16
C ALA C 113 -13.29 24.54 6.29
N SER C 114 -12.32 24.76 7.17
CA SER C 114 -12.53 25.75 8.22
C SER C 114 -12.47 27.16 7.66
N SER C 115 -11.52 27.42 6.75
CA SER C 115 -11.41 28.75 6.15
C SER C 115 -12.65 29.12 5.35
N TYR C 116 -13.30 28.14 4.74
CA TYR C 116 -14.51 28.41 3.99
C TYR C 116 -15.57 29.05 4.87
N VAL C 117 -15.94 28.36 5.96
CA VAL C 117 -16.95 28.89 6.87
C VAL C 117 -16.47 30.17 7.52
N PHE C 118 -15.15 30.29 7.76
CA PHE C 118 -14.64 31.50 8.39
C PHE C 118 -14.83 32.73 7.52
N TYR C 119 -14.34 32.68 6.28
CA TYR C 119 -14.35 33.83 5.39
C TYR C 119 -15.61 33.91 4.53
N TRP C 120 -16.62 33.07 4.79
CA TRP C 120 -17.88 33.17 4.07
C TRP C 120 -18.42 34.59 4.06
N ARG C 121 -18.44 35.26 5.21
CA ARG C 121 -19.08 36.57 5.31
C ARG C 121 -18.34 37.62 4.49
N ASP C 122 -17.02 37.55 4.41
CA ASP C 122 -16.25 38.58 3.74
C ASP C 122 -16.65 38.72 2.27
N TYR C 123 -17.02 37.62 1.62
CA TYR C 123 -17.35 37.63 0.21
C TYR C 123 -18.86 37.54 -0.06
N PHE C 124 -19.63 37.01 0.89
CA PHE C 124 -21.09 36.89 0.82
C PHE C 124 -21.69 37.79 1.89
N GLU C 125 -21.73 39.10 1.64
CA GLU C 125 -22.28 40.01 2.63
C GLU C 125 -23.77 39.79 2.82
N ASP C 126 -24.51 39.67 1.71
CA ASP C 126 -25.96 39.50 1.78
C ASP C 126 -26.38 38.06 2.08
N GLN C 127 -25.73 37.07 1.43
CA GLN C 127 -26.17 35.67 1.53
C GLN C 127 -25.75 35.07 2.89
N PRO C 128 -26.64 34.35 3.55
CA PRO C 128 -26.24 33.62 4.76
C PRO C 128 -25.92 32.14 4.53
N LEU C 129 -24.83 31.68 5.13
CA LEU C 129 -24.44 30.27 5.05
C LEU C 129 -25.42 29.41 5.82
N LEU C 130 -26.06 28.46 5.13
CA LEU C 130 -27.08 27.64 5.77
C LEU C 130 -26.49 26.49 6.58
N TYR C 131 -25.46 25.83 6.06
CA TYR C 131 -24.90 24.67 6.75
C TYR C 131 -23.42 24.57 6.41
N PRO C 132 -22.65 23.82 7.20
CA PRO C 132 -21.22 23.67 6.90
C PRO C 132 -20.99 22.67 5.78
N PRO C 133 -20.22 23.04 4.78
CA PRO C 133 -20.01 22.15 3.63
C PRO C 133 -18.98 21.07 3.93
N GLY C 134 -19.00 20.04 3.08
CA GLY C 134 -18.05 18.94 3.15
C GLY C 134 -17.14 18.93 1.96
N PHE C 135 -15.93 18.39 2.14
CA PHE C 135 -14.94 18.31 1.08
C PHE C 135 -14.31 16.93 1.08
N ASP C 136 -13.83 16.51 -0.09
CA ASP C 136 -13.05 15.28 -0.21
C ASP C 136 -11.71 15.61 -0.86
N GLY C 137 -10.71 14.77 -0.55
CA GLY C 137 -9.37 14.98 -1.06
C GLY C 137 -8.74 13.68 -1.51
N ARG C 138 -7.50 13.80 -1.98
CA ARG C 138 -6.75 12.67 -2.51
C ARG C 138 -5.32 13.14 -2.73
N VAL C 139 -4.39 12.19 -2.80
CA VAL C 139 -2.99 12.48 -3.04
C VAL C 139 -2.54 11.72 -4.27
N VAL C 140 -1.75 12.38 -5.12
CA VAL C 140 -1.21 11.78 -6.31
C VAL C 140 0.27 12.10 -6.39
N VAL C 141 1.08 11.09 -6.72
CA VAL C 141 2.53 11.21 -6.79
C VAL C 141 2.94 11.17 -8.26
N TYR C 142 3.68 12.19 -8.70
CA TYR C 142 4.13 12.30 -10.08
C TYR C 142 5.64 12.26 -10.14
N PRO C 143 6.22 11.35 -10.94
CA PRO C 143 7.69 11.18 -10.91
C PRO C 143 8.47 12.19 -11.71
N SER C 144 7.87 12.83 -12.71
CA SER C 144 8.59 13.73 -13.59
C SER C 144 7.87 15.07 -13.68
N ASN C 145 8.61 16.08 -14.12
CA ASN C 145 8.04 17.41 -14.30
C ASN C 145 7.03 17.43 -15.44
N GLN C 146 7.25 16.60 -16.47
CA GLN C 146 6.33 16.55 -17.59
C GLN C 146 4.94 16.08 -17.15
N THR C 147 4.89 15.08 -16.27
CA THR C 147 3.59 14.58 -15.82
C THR C 147 2.85 15.62 -15.01
N LEU C 148 3.56 16.39 -14.17
CA LEU C 148 2.92 17.46 -13.40
C LEU C 148 2.39 18.55 -14.33
N LYS C 149 3.21 18.95 -15.32
CA LYS C 149 2.75 19.90 -16.31
C LYS C 149 1.50 19.40 -17.02
N ASP C 150 1.48 18.12 -17.37
CA ASP C 150 0.34 17.55 -18.08
C ASP C 150 -0.90 17.49 -17.19
N TYR C 151 -0.73 17.22 -15.90
CA TYR C 151 -1.87 17.25 -14.98
C TYR C 151 -2.48 18.64 -14.90
N LEU C 152 -1.62 19.66 -14.75
CA LEU C 152 -2.13 21.03 -14.69
C LEU C 152 -2.83 21.41 -15.99
N SER C 153 -2.26 21.01 -17.13
CA SER C 153 -2.89 21.28 -18.42
C SER C 153 -4.24 20.56 -18.54
N TRP C 154 -4.33 19.35 -17.99
CA TRP C 154 -5.58 18.61 -17.98
C TRP C 154 -6.65 19.37 -17.21
N ARG C 155 -6.30 19.88 -16.03
CA ARG C 155 -7.26 20.65 -15.24
C ARG C 155 -7.71 21.90 -15.99
N GLN C 156 -6.77 22.61 -16.61
CA GLN C 156 -7.15 23.84 -17.30
C GLN C 156 -8.03 23.56 -18.53
N ALA C 157 -7.73 22.48 -19.26
CA ALA C 157 -8.56 22.13 -20.41
C ALA C 157 -9.96 21.73 -19.98
N ASP C 158 -10.08 20.97 -18.89
CA ASP C 158 -11.40 20.66 -18.35
C ASP C 158 -12.15 21.93 -17.99
N CYS C 159 -11.45 22.89 -17.36
CA CYS C 159 -12.07 24.17 -17.05
C CYS C 159 -12.60 24.85 -18.31
N HIS C 160 -11.77 24.94 -19.35
CA HIS C 160 -12.16 25.65 -20.56
C HIS C 160 -13.37 24.99 -21.23
N ILE C 161 -13.36 23.65 -21.32
CA ILE C 161 -14.45 22.97 -21.99
C ILE C 161 -15.75 23.14 -21.21
N ASN C 162 -15.69 22.98 -19.88
CA ASN C 162 -16.90 23.13 -19.09
C ASN C 162 -17.46 24.55 -19.17
N ASN C 163 -16.57 25.56 -19.17
CA ASN C 163 -17.07 26.92 -19.26
C ASN C 163 -17.67 27.21 -20.62
N LEU C 164 -17.02 26.74 -21.70
CA LEU C 164 -17.55 27.00 -23.04
C LEU C 164 -18.90 26.32 -23.24
N TYR C 165 -19.12 25.16 -22.61
CA TYR C 165 -20.42 24.53 -22.72
C TYR C 165 -21.46 25.27 -21.87
N ASN C 166 -21.12 25.57 -20.62
CA ASN C 166 -22.10 26.15 -19.69
C ASN C 166 -22.51 27.56 -20.11
N THR C 167 -21.61 28.33 -20.72
CA THR C 167 -21.96 29.67 -21.14
C THR C 167 -23.11 29.66 -22.13
N VAL C 168 -22.98 28.87 -23.21
CA VAL C 168 -24.04 28.82 -24.21
C VAL C 168 -25.25 28.05 -23.69
N PHE C 169 -25.04 27.12 -22.75
CA PHE C 169 -26.17 26.38 -22.20
C PHE C 169 -27.09 27.30 -21.40
N TRP C 170 -26.51 28.12 -20.52
CA TRP C 170 -27.29 29.08 -19.77
C TRP C 170 -27.72 30.28 -20.60
N ALA C 171 -27.03 30.56 -21.70
CA ALA C 171 -27.55 31.57 -22.62
C ALA C 171 -28.80 31.07 -23.34
N LEU C 172 -28.87 29.76 -23.61
CA LEU C 172 -30.05 29.17 -24.21
C LEU C 172 -31.19 29.00 -23.21
N ILE C 173 -30.87 28.87 -21.93
CA ILE C 173 -31.94 28.75 -20.93
C ILE C 173 -32.44 30.10 -20.46
N GLN C 174 -31.54 31.06 -20.23
CA GLN C 174 -31.94 32.33 -19.63
C GLN C 174 -32.44 33.33 -20.68
N GLN C 175 -31.64 33.62 -21.70
CA GLN C 175 -32.00 34.61 -22.69
C GLN C 175 -32.81 34.06 -23.85
N SER C 176 -33.07 32.75 -23.87
CA SER C 176 -33.87 32.14 -24.93
C SER C 176 -35.10 31.40 -24.42
N GLY C 177 -35.18 31.10 -23.13
CA GLY C 177 -36.35 30.45 -22.57
C GLY C 177 -36.51 29.01 -23.01
N LEU C 178 -35.50 28.19 -22.78
CA LEU C 178 -35.54 26.77 -23.09
C LEU C 178 -35.37 25.97 -21.81
N THR C 179 -36.11 24.87 -21.70
CA THR C 179 -35.91 23.97 -20.58
C THR C 179 -34.54 23.29 -20.69
N PRO C 180 -33.99 22.83 -19.57
CA PRO C 180 -32.66 22.19 -19.63
C PRO C 180 -32.55 21.08 -20.66
N VAL C 181 -33.56 20.23 -20.78
CA VAL C 181 -33.53 19.16 -21.77
C VAL C 181 -33.46 19.73 -23.18
N GLN C 182 -34.20 20.83 -23.43
CA GLN C 182 -34.19 21.45 -24.75
C GLN C 182 -32.80 21.99 -25.09
N ALA C 183 -32.20 22.72 -24.14
CA ALA C 183 -30.87 23.25 -24.38
C ALA C 183 -29.83 22.15 -24.57
N GLN C 184 -29.93 21.07 -23.80
CA GLN C 184 -28.94 20.01 -23.93
C GLN C 184 -29.11 19.25 -25.24
N GLY C 185 -30.35 19.11 -25.71
CA GLY C 185 -30.57 18.52 -27.03
C GLY C 185 -30.14 19.46 -28.15
N ARG C 186 -30.19 20.76 -27.89
CA ARG C 186 -29.75 21.75 -28.85
C ARG C 186 -28.23 21.77 -28.98
N LEU C 187 -27.52 21.50 -27.88
CA LEU C 187 -26.07 21.53 -27.88
C LEU C 187 -25.41 20.19 -28.22
N GLN C 188 -26.17 19.10 -28.30
CA GLN C 188 -25.58 17.79 -28.57
C GLN C 188 -24.94 17.72 -29.95
N GLY C 189 -23.67 17.28 -29.98
CA GLY C 189 -22.95 17.11 -31.21
C GLY C 189 -22.17 18.32 -31.68
N THR C 190 -22.25 19.43 -30.95
CA THR C 190 -21.57 20.65 -31.36
C THR C 190 -20.08 20.58 -31.01
N LEU C 191 -19.27 21.24 -31.84
CA LEU C 191 -17.83 21.30 -31.63
C LEU C 191 -17.50 22.56 -30.84
N ALA C 192 -16.20 22.86 -30.71
CA ALA C 192 -15.80 24.08 -30.01
C ALA C 192 -16.18 25.31 -30.81
N ALA C 193 -15.74 25.38 -32.07
CA ALA C 193 -16.13 26.50 -32.93
C ALA C 193 -17.63 26.52 -33.13
N ASP C 194 -18.30 25.37 -33.07
CA ASP C 194 -19.75 25.35 -33.19
C ASP C 194 -20.41 26.12 -32.06
N LYS C 195 -20.03 25.83 -30.82
CA LYS C 195 -20.58 26.58 -29.68
C LYS C 195 -20.18 28.04 -29.74
N ASN C 196 -18.93 28.31 -30.14
CA ASN C 196 -18.49 29.70 -30.26
C ASN C 196 -19.34 30.46 -31.26
N GLU C 197 -19.71 29.81 -32.36
CA GLU C 197 -20.53 30.46 -33.38
C GLU C 197 -21.97 30.61 -32.93
N ILE C 198 -22.51 29.59 -32.24
CA ILE C 198 -23.85 29.73 -31.68
C ILE C 198 -23.92 30.94 -30.76
N LEU C 199 -22.90 31.13 -29.93
CA LEU C 199 -22.87 32.29 -29.06
C LEU C 199 -22.74 33.59 -29.86
N PHE C 200 -21.80 33.62 -30.80
CA PHE C 200 -21.50 34.84 -31.54
C PHE C 200 -22.67 35.29 -32.42
N SER C 201 -23.45 34.34 -32.94
CA SER C 201 -24.49 34.64 -33.91
C SER C 201 -25.90 34.62 -33.35
N GLU C 202 -26.13 33.90 -32.25
CA GLU C 202 -27.46 33.78 -31.68
C GLU C 202 -27.70 34.73 -30.52
N PHE C 203 -26.64 35.19 -29.85
CA PHE C 203 -26.75 36.10 -28.74
C PHE C 203 -25.82 37.30 -28.83
N ASN C 204 -24.99 37.37 -29.88
CA ASN C 204 -24.03 38.46 -30.04
C ASN C 204 -23.05 38.49 -28.86
N ILE C 205 -22.69 37.32 -28.36
CA ILE C 205 -21.76 37.16 -27.26
C ILE C 205 -20.48 36.52 -27.80
N ASN C 206 -19.38 37.25 -27.69
CA ASN C 206 -18.06 36.74 -28.07
C ASN C 206 -17.43 36.07 -26.87
N TYR C 207 -17.15 34.76 -26.99
CA TYR C 207 -16.61 34.01 -25.86
C TYR C 207 -15.27 34.55 -25.40
N ASN C 208 -14.47 35.09 -26.32
CA ASN C 208 -13.17 35.62 -25.94
C ASN C 208 -13.28 36.82 -25.01
N ASN C 209 -14.36 37.61 -25.14
CA ASN C 209 -14.56 38.77 -24.28
C ASN C 209 -15.00 38.39 -22.87
N GLU C 210 -15.36 37.13 -22.62
CA GLU C 210 -15.73 36.72 -21.28
C GLU C 210 -14.57 36.91 -20.31
N LEU C 211 -14.90 37.10 -19.04
CA LEU C 211 -13.89 37.36 -18.02
C LEU C 211 -12.81 36.28 -18.06
N PRO C 212 -11.53 36.66 -17.96
CA PRO C 212 -10.45 35.66 -18.02
C PRO C 212 -10.45 34.71 -16.84
N MET C 213 -11.16 35.02 -15.76
CA MET C 213 -11.23 34.13 -14.61
C MET C 213 -12.23 33.01 -14.82
N TYR C 214 -13.12 33.12 -15.80
CA TYR C 214 -14.14 32.11 -16.03
C TYR C 214 -13.66 31.04 -16.99
N ARG C 215 -12.88 31.40 -18.00
CA ARG C 215 -12.44 30.46 -19.01
C ARG C 215 -11.00 30.01 -18.81
N LYS C 216 -10.33 30.45 -17.76
CA LYS C 216 -8.96 30.01 -17.50
C LYS C 216 -8.70 29.52 -16.08
N GLY C 217 -9.63 29.73 -15.14
CA GLY C 217 -9.41 29.30 -13.77
C GLY C 217 -8.62 30.30 -12.95
N THR C 218 -7.88 29.83 -11.96
CA THR C 218 -7.03 30.71 -11.14
C THR C 218 -5.74 29.98 -10.81
N VAL C 219 -4.63 30.70 -10.89
CA VAL C 219 -3.31 30.17 -10.51
C VAL C 219 -2.85 30.97 -9.29
N LEU C 220 -2.10 30.32 -8.40
CA LEU C 220 -1.63 30.95 -7.17
C LEU C 220 -0.14 30.68 -7.00
N ILE C 221 0.64 31.77 -6.97
CA ILE C 221 2.10 31.75 -6.90
C ILE C 221 2.60 32.81 -5.92
N TRP C 222 3.75 32.56 -5.31
CA TRP C 222 4.36 33.51 -4.39
C TRP C 222 4.96 34.70 -5.14
N GLN C 223 4.61 35.91 -4.71
CA GLN C 223 5.17 37.14 -5.27
C GLN C 223 5.40 38.15 -4.16
N LYS C 224 6.18 39.19 -4.47
CA LYS C 224 6.59 40.20 -3.51
C LYS C 224 5.61 41.36 -3.53
N VAL C 225 4.90 41.57 -2.43
CA VAL C 225 3.96 42.66 -2.30
C VAL C 225 4.55 43.74 -1.39
N ASP C 226 3.89 44.91 -1.38
CA ASP C 226 4.24 45.99 -0.47
C ASP C 226 2.97 46.59 0.11
N GLU C 227 3.02 46.92 1.40
CA GLU C 227 1.86 47.46 2.11
C GLU C 227 2.27 48.27 3.33
N VAL C 246 3.19 51.50 6.39
CA VAL C 246 4.24 52.18 5.65
C VAL C 246 4.72 51.29 4.50
N THR C 247 5.66 50.39 4.80
CA THR C 247 6.19 49.44 3.81
C THR C 247 6.12 48.04 4.41
N ARG C 248 5.62 47.08 3.62
CA ARG C 248 5.45 45.69 4.05
C ARG C 248 5.93 44.81 2.90
N THR C 249 7.25 44.66 2.77
CA THR C 249 7.87 43.89 1.70
C THR C 249 7.87 42.40 2.08
N ARG C 250 6.69 41.79 2.01
CA ARG C 250 6.52 40.39 2.33
C ARG C 250 6.04 39.63 1.10
N THR C 251 6.16 38.30 1.17
CA THR C 251 5.69 37.42 0.11
C THR C 251 4.27 36.94 0.43
N LYS C 252 3.45 36.82 -0.61
CA LYS C 252 2.07 36.37 -0.43
C LYS C 252 1.66 35.60 -1.68
N PRO C 253 0.68 34.72 -1.56
CA PRO C 253 0.19 34.00 -2.75
C PRO C 253 -0.73 34.85 -3.62
N VAL C 254 -0.18 35.39 -4.70
CA VAL C 254 -0.95 36.22 -5.64
C VAL C 254 -1.62 35.31 -6.67
N PRO C 255 -2.82 35.67 -7.13
CA PRO C 255 -3.49 34.93 -8.19
C PRO C 255 -3.19 35.47 -9.58
N LEU C 256 -3.36 34.58 -10.56
CA LEU C 256 -3.23 34.89 -11.97
C LEU C 256 -4.32 34.15 -12.73
N HIS C 257 -4.56 34.59 -13.98
CA HIS C 257 -5.60 33.98 -14.81
C HIS C 257 -5.07 33.77 -16.23
N CYS C 258 -3.85 33.27 -16.34
CA CYS C 258 -3.19 33.07 -17.63
C CYS C 258 -3.18 31.59 -18.00
N ASP C 259 -2.74 31.33 -19.23
CA ASP C 259 -2.65 29.97 -19.73
C ASP C 259 -1.41 29.27 -19.17
N ILE C 260 -1.61 28.08 -18.61
CA ILE C 260 -0.53 27.29 -18.04
C ILE C 260 -0.22 26.06 -18.90
N ILE C 261 -0.85 25.95 -20.07
CA ILE C 261 -0.54 24.86 -20.99
C ILE C 261 0.63 25.23 -21.90
N GLY C 262 0.81 26.51 -22.20
CA GLY C 262 1.88 26.95 -23.08
C GLY C 262 3.18 27.14 -22.31
N ASP C 263 4.29 26.82 -22.97
CA ASP C 263 5.60 26.88 -22.34
C ASP C 263 5.97 28.28 -21.85
N ALA C 264 5.32 29.32 -22.37
CA ALA C 264 5.66 30.70 -22.00
C ALA C 264 5.54 30.93 -20.50
N PHE C 265 4.44 30.48 -19.89
CA PHE C 265 4.26 30.64 -18.45
C PHE C 265 5.40 30.02 -17.66
N TRP C 266 5.85 28.83 -18.04
CA TRP C 266 6.87 28.13 -17.27
C TRP C 266 8.27 28.67 -17.57
N LYS C 267 8.55 29.03 -18.82
CA LYS C 267 9.82 29.69 -19.11
C LYS C 267 9.92 31.06 -18.46
N GLU C 268 8.78 31.70 -18.17
CA GLU C 268 8.79 33.01 -17.53
C GLU C 268 9.02 32.90 -16.03
N HIS C 269 8.69 31.77 -15.43
CA HIS C 269 8.89 31.52 -14.00
C HIS C 269 9.64 30.19 -13.88
N PRO C 270 10.95 30.18 -14.11
CA PRO C 270 11.69 28.91 -14.07
C PRO C 270 11.97 28.37 -12.67
N GLU C 271 12.00 29.26 -11.66
CA GLU C 271 12.35 28.85 -10.30
C GLU C 271 11.31 27.94 -9.65
N ILE C 272 10.07 27.96 -10.14
CA ILE C 272 9.01 27.18 -9.52
C ILE C 272 9.24 25.70 -9.75
N LEU C 273 9.69 25.35 -10.95
CA LEU C 273 9.95 23.97 -11.35
C LEU C 273 11.40 23.57 -11.09
N ASP C 274 12.35 24.38 -11.53
CA ASP C 274 13.77 24.11 -11.37
C ASP C 274 14.27 24.75 -10.07
N GLU C 275 14.51 23.92 -9.07
CA GLU C 275 14.97 24.42 -7.77
C GLU C 275 16.07 23.51 -7.21
N SER D 12 -9.05 14.16 -25.52
CA SER D 12 -8.45 14.22 -24.19
C SER D 12 -7.00 14.71 -24.26
N LYS D 13 -6.08 13.76 -24.46
CA LYS D 13 -4.63 13.92 -24.59
C LYS D 13 -3.93 14.16 -23.25
N PHE D 14 -4.65 14.27 -22.15
CA PHE D 14 -4.02 14.53 -20.86
C PHE D 14 -4.52 13.64 -19.72
N GLU D 15 -5.58 12.84 -19.94
CA GLU D 15 -6.19 12.10 -18.85
C GLU D 15 -5.29 11.00 -18.30
N TYR D 16 -4.23 10.63 -19.03
CA TYR D 16 -3.37 9.53 -18.59
C TYR D 16 -2.77 9.79 -17.22
N VAL D 17 -2.64 11.05 -16.81
CA VAL D 17 -2.09 11.37 -15.49
C VAL D 17 -2.91 10.72 -14.38
N ARG D 18 -4.21 10.52 -14.61
CA ARG D 18 -5.05 9.89 -13.59
C ARG D 18 -4.58 8.46 -13.27
N ASP D 19 -3.80 7.84 -14.15
CA ASP D 19 -3.25 6.52 -13.86
C ASP D 19 -2.30 6.53 -12.67
N PHE D 20 -1.71 7.67 -12.34
CA PHE D 20 -0.79 7.73 -11.22
C PHE D 20 -1.48 7.73 -9.86
N GLU D 21 -2.79 7.63 -9.83
CA GLU D 21 -3.52 7.55 -8.57
C GLU D 21 -3.42 6.13 -8.01
N ALA D 22 -2.80 5.99 -6.85
CA ALA D 22 -2.66 4.69 -6.22
C ALA D 22 -3.94 4.29 -5.49
N ASP D 23 -4.08 2.99 -5.26
CA ASP D 23 -5.23 2.45 -4.56
C ASP D 23 -4.97 2.42 -3.05
N ASP D 24 -6.02 2.69 -2.27
CA ASP D 24 -5.92 2.69 -0.81
C ASP D 24 -7.10 1.99 -0.16
N THR D 25 -7.66 0.99 -0.82
CA THR D 25 -8.82 0.28 -0.28
C THR D 25 -8.46 -0.42 1.03
N CYS D 26 -9.33 -0.29 2.03
CA CYS D 26 -9.12 -0.94 3.31
C CYS D 26 -9.55 -2.40 3.23
N LEU D 27 -8.87 -3.23 4.02
CA LEU D 27 -9.15 -4.66 4.03
C LEU D 27 -10.61 -4.91 4.38
N ALA D 28 -11.28 -5.73 3.57
CA ALA D 28 -12.68 -6.03 3.79
C ALA D 28 -12.87 -6.76 5.12
N HIS D 29 -14.11 -6.66 5.64
CA HIS D 29 -14.51 -7.32 6.89
C HIS D 29 -13.68 -6.88 8.09
N CYS D 30 -13.26 -5.62 8.10
CA CYS D 30 -12.36 -5.10 9.12
C CYS D 30 -12.89 -3.75 9.61
N TRP D 31 -12.70 -3.50 10.91
CA TRP D 31 -13.09 -2.22 11.47
C TRP D 31 -12.19 -1.11 10.92
N VAL D 32 -12.80 -0.03 10.47
CA VAL D 32 -12.08 1.16 10.04
C VAL D 32 -12.23 2.23 11.11
N VAL D 33 -11.11 2.85 11.49
CA VAL D 33 -11.11 3.86 12.54
C VAL D 33 -10.38 5.09 12.02
N VAL D 34 -11.04 6.25 12.13
CA VAL D 34 -10.44 7.53 11.74
C VAL D 34 -10.31 8.37 12.99
N ARG D 35 -9.09 8.82 13.29
CA ARG D 35 -8.86 9.66 14.46
C ARG D 35 -8.47 11.06 14.02
N LEU D 36 -9.28 12.03 14.41
CA LEU D 36 -9.00 13.44 14.20
C LEU D 36 -8.32 14.01 15.43
N ASP D 37 -7.35 14.90 15.21
CA ASP D 37 -6.61 15.53 16.28
C ASP D 37 -6.33 16.97 15.87
N GLY D 38 -6.61 17.91 16.76
CA GLY D 38 -6.38 19.31 16.44
C GLY D 38 -4.90 19.59 16.28
N ARG D 39 -4.57 20.47 15.33
CA ARG D 39 -3.17 20.78 15.04
C ARG D 39 -2.72 22.00 15.84
N ASN D 40 -1.61 21.83 16.58
CA ASN D 40 -1.04 22.89 17.41
C ASN D 40 -2.10 23.50 18.33
N PHE D 41 -2.98 22.64 18.85
CA PHE D 41 -4.13 23.13 19.60
C PHE D 41 -3.75 23.72 20.95
N HIS D 42 -2.52 23.50 21.41
CA HIS D 42 -2.05 24.19 22.61
C HIS D 42 -2.08 25.70 22.43
N ARG D 43 -1.51 26.18 21.31
CA ARG D 43 -1.53 27.60 21.02
C ARG D 43 -2.95 28.12 20.83
N PHE D 44 -3.84 27.30 20.26
CA PHE D 44 -5.23 27.70 20.08
C PHE D 44 -5.92 27.89 21.42
N ALA D 45 -5.79 26.92 22.32
CA ALA D 45 -6.36 27.05 23.66
C ALA D 45 -5.73 28.19 24.43
N GLU D 46 -4.47 28.51 24.14
CA GLU D 46 -3.81 29.65 24.77
C GLU D 46 -4.41 30.97 24.31
N LYS D 47 -4.56 31.15 23.00
CA LYS D 47 -5.02 32.43 22.46
C LYS D 47 -6.47 32.72 22.78
N HIS D 48 -7.26 31.70 23.14
CA HIS D 48 -8.69 31.88 23.33
C HIS D 48 -9.12 31.70 24.79
N ASN D 49 -8.18 31.71 25.72
CA ASN D 49 -8.47 31.69 27.16
C ASN D 49 -9.31 30.48 27.54
N PHE D 50 -8.74 29.31 27.31
CA PHE D 50 -9.38 28.06 27.69
C PHE D 50 -9.21 27.83 29.19
N ALA D 51 -10.23 27.21 29.79
CA ALA D 51 -10.24 26.99 31.23
C ALA D 51 -9.34 25.81 31.59
N LYS D 52 -8.56 25.97 32.68
CA LYS D 52 -7.68 24.93 33.18
C LYS D 52 -8.28 24.26 34.41
N PRO D 53 -8.17 22.93 34.56
CA PRO D 53 -7.53 22.02 33.61
C PRO D 53 -8.46 21.56 32.48
N ASN D 54 -9.76 21.82 32.62
CA ASN D 54 -10.74 21.44 31.62
C ASN D 54 -11.69 22.59 31.37
N ASP D 55 -12.18 22.67 30.12
CA ASP D 55 -13.12 23.71 29.70
C ASP D 55 -14.33 23.01 29.10
N SER D 56 -15.48 23.16 29.76
CA SER D 56 -16.69 22.44 29.34
C SER D 56 -17.14 22.88 27.94
N ARG D 57 -17.02 24.17 27.66
CA ARG D 57 -17.50 24.70 26.38
C ARG D 57 -16.78 24.04 25.20
N ALA D 58 -15.44 23.97 25.27
CA ALA D 58 -14.67 23.37 24.17
C ALA D 58 -15.02 21.91 23.98
N LEU D 59 -15.13 21.16 25.08
CA LEU D 59 -15.46 19.74 24.99
C LEU D 59 -16.83 19.54 24.35
N GLN D 60 -17.81 20.37 24.73
CA GLN D 60 -19.13 20.25 24.14
C GLN D 60 -19.12 20.64 22.66
N LEU D 61 -18.28 21.61 22.28
CA LEU D 61 -18.19 21.97 20.86
C LEU D 61 -17.58 20.85 20.04
N MET D 62 -16.55 20.21 20.57
CA MET D 62 -15.98 19.04 19.90
C MET D 62 -17.03 17.94 19.76
N THR D 63 -17.83 17.72 20.82
CA THR D 63 -18.86 16.69 20.75
C THR D 63 -19.92 17.03 19.69
N LYS D 64 -20.28 18.30 19.57
CA LYS D 64 -21.28 18.68 18.57
C LYS D 64 -20.74 18.50 17.15
N CYS D 65 -19.47 18.88 16.93
CA CYS D 65 -18.86 18.63 15.62
C CYS D 65 -18.85 17.13 15.31
N ALA D 66 -18.54 16.31 16.31
CA ALA D 66 -18.54 14.87 16.09
C ALA D 66 -19.93 14.36 15.74
N GLN D 67 -20.96 14.92 16.38
CA GLN D 67 -22.32 14.53 16.02
C GLN D 67 -22.65 14.92 14.58
N THR D 68 -22.25 16.12 14.17
CA THR D 68 -22.45 16.53 12.78
C THR D 68 -21.75 15.58 11.83
N VAL D 69 -20.53 15.16 12.17
CA VAL D 69 -19.81 14.20 11.33
C VAL D 69 -20.55 12.87 11.26
N MET D 70 -21.07 12.40 12.39
CA MET D 70 -21.81 11.14 12.40
C MET D 70 -23.10 11.24 11.59
N GLU D 71 -23.68 12.44 11.50
CA GLU D 71 -24.94 12.59 10.77
C GLU D 71 -24.75 12.78 9.27
N GLU D 72 -23.71 13.50 8.86
CA GLU D 72 -23.51 13.78 7.43
C GLU D 72 -22.92 12.58 6.68
N LEU D 73 -22.17 11.71 7.36
CA LEU D 73 -21.58 10.53 6.75
C LEU D 73 -22.43 9.30 7.09
N GLU D 74 -21.95 8.11 6.72
CA GLU D 74 -22.72 6.89 6.92
C GLU D 74 -21.87 5.84 7.63
N ASP D 75 -22.56 4.82 8.15
CA ASP D 75 -21.97 3.63 8.75
C ASP D 75 -21.05 3.92 9.93
N ILE D 76 -21.18 5.07 10.58
CA ILE D 76 -20.41 5.38 11.77
C ILE D 76 -21.21 4.86 12.97
N VAL D 77 -20.70 3.81 13.61
CA VAL D 77 -21.45 3.17 14.70
C VAL D 77 -21.10 3.70 16.08
N ILE D 78 -19.95 4.37 16.24
CA ILE D 78 -19.55 4.88 17.54
C ILE D 78 -18.45 5.90 17.35
N ALA D 79 -18.41 6.88 18.24
CA ALA D 79 -17.36 7.88 18.30
C ALA D 79 -16.92 8.04 19.75
N TYR D 80 -15.66 8.41 19.94
CA TYR D 80 -15.11 8.64 21.28
C TYR D 80 -14.28 9.91 21.25
N GLY D 81 -14.46 10.77 22.25
CA GLY D 81 -13.81 12.07 22.25
C GLY D 81 -13.01 12.31 23.52
N GLN D 82 -12.03 13.18 23.38
CA GLN D 82 -11.13 13.56 24.46
C GLN D 82 -10.60 14.94 24.11
N SER D 83 -9.77 15.50 25.00
CA SER D 83 -9.22 16.82 24.79
C SER D 83 -8.61 16.93 23.39
N ASP D 84 -9.16 17.86 22.62
CA ASP D 84 -8.73 18.18 21.25
C ASP D 84 -8.54 16.96 20.37
N GLU D 85 -9.32 15.89 20.58
CA GLU D 85 -9.23 14.77 19.66
C GLU D 85 -10.52 13.96 19.68
N TYR D 86 -10.76 13.24 18.58
CA TYR D 86 -11.92 12.40 18.44
C TYR D 86 -11.58 11.20 17.56
N SER D 87 -12.37 10.14 17.70
CA SER D 87 -12.20 8.92 16.92
C SER D 87 -13.57 8.44 16.48
N PHE D 88 -13.67 8.04 15.21
CA PHE D 88 -14.90 7.54 14.62
C PHE D 88 -14.66 6.13 14.09
N VAL D 89 -15.56 5.20 14.43
CA VAL D 89 -15.43 3.80 14.02
C VAL D 89 -16.54 3.50 13.01
N PHE D 90 -16.14 3.23 11.77
CA PHE D 90 -17.11 2.79 10.77
C PHE D 90 -17.33 1.29 10.90
N LYS D 91 -18.57 0.87 10.59
CA LYS D 91 -18.90 -0.54 10.71
C LYS D 91 -18.05 -1.37 9.75
N ARG D 92 -17.68 -2.57 10.19
CA ARG D 92 -16.66 -3.34 9.47
C ARG D 92 -17.14 -3.82 8.11
N LYS D 93 -18.43 -4.07 7.95
CA LYS D 93 -18.94 -4.54 6.67
C LYS D 93 -19.39 -3.39 5.77
N THR D 94 -18.86 -2.19 6.00
CA THR D 94 -19.26 -1.05 5.19
C THR D 94 -18.73 -1.18 3.76
N ASN D 95 -19.40 -0.48 2.85
CA ASN D 95 -18.98 -0.40 1.46
C ASN D 95 -18.92 1.05 0.99
N TRP D 96 -18.98 2.00 1.90
CA TRP D 96 -19.01 3.41 1.57
C TRP D 96 -17.75 3.82 0.82
N PHE D 97 -17.92 4.42 -0.35
CA PHE D 97 -16.81 4.89 -1.19
C PHE D 97 -15.84 3.76 -1.53
N LYS D 98 -16.34 2.53 -1.57
CA LYS D 98 -15.52 1.34 -1.83
C LYS D 98 -14.37 1.23 -0.83
N ARG D 99 -14.59 1.68 0.40
CA ARG D 99 -13.62 1.53 1.48
C ARG D 99 -12.29 2.23 1.16
N ARG D 100 -12.35 3.32 0.40
CA ARG D 100 -11.15 4.11 0.13
C ARG D 100 -10.85 4.97 1.35
N ALA D 101 -9.75 4.65 2.05
CA ALA D 101 -9.42 5.35 3.28
C ALA D 101 -9.30 6.85 3.07
N SER D 102 -8.81 7.25 1.89
CA SER D 102 -8.67 8.67 1.57
C SER D 102 -10.01 9.40 1.71
N LYS D 103 -11.07 8.83 1.15
CA LYS D 103 -12.39 9.45 1.24
C LYS D 103 -12.85 9.54 2.68
N PHE D 104 -12.71 8.45 3.43
CA PHE D 104 -13.06 8.42 4.86
C PHE D 104 -12.42 9.60 5.60
N MET D 105 -11.09 9.67 5.56
CA MET D 105 -10.40 10.63 6.40
C MET D 105 -10.62 12.06 5.93
N THR D 106 -10.61 12.30 4.61
CA THR D 106 -10.82 13.66 4.14
C THR D 106 -12.24 14.15 4.48
N HIS D 107 -13.25 13.30 4.30
CA HIS D 107 -14.62 13.69 4.63
C HIS D 107 -14.75 13.99 6.11
N VAL D 108 -14.22 13.11 6.96
CA VAL D 108 -14.31 13.32 8.41
C VAL D 108 -13.62 14.64 8.79
N ALA D 109 -12.39 14.83 8.31
CA ALA D 109 -11.63 16.03 8.68
C ALA D 109 -12.31 17.30 8.23
N SER D 110 -12.73 17.34 6.96
CA SER D 110 -13.35 18.55 6.42
C SER D 110 -14.66 18.86 7.13
N GLN D 111 -15.52 17.85 7.32
CA GLN D 111 -16.79 18.08 7.98
C GLN D 111 -16.60 18.60 9.40
N PHE D 112 -15.68 17.97 10.15
CA PHE D 112 -15.42 18.40 11.52
C PHE D 112 -14.89 19.83 11.55
N ALA D 113 -13.94 20.15 10.67
CA ALA D 113 -13.32 21.47 10.68
C ALA D 113 -14.30 22.56 10.28
N SER D 114 -15.22 22.28 9.37
CA SER D 114 -16.23 23.28 9.01
C SER D 114 -17.25 23.44 10.13
N SER D 115 -17.69 22.34 10.75
CA SER D 115 -18.65 22.44 11.83
C SER D 115 -18.08 23.19 13.03
N TYR D 116 -16.78 23.06 13.27
CA TYR D 116 -16.14 23.79 14.37
C TYR D 116 -16.32 25.29 14.21
N VAL D 117 -15.88 25.82 13.07
CA VAL D 117 -15.98 27.26 12.82
C VAL D 117 -17.43 27.70 12.77
N PHE D 118 -18.33 26.85 12.26
CA PHE D 118 -19.73 27.24 12.20
C PHE D 118 -20.33 27.38 13.59
N TYR D 119 -20.20 26.36 14.43
CA TYR D 119 -20.87 26.33 15.72
C TYR D 119 -20.03 26.94 16.83
N TRP D 120 -18.92 27.59 16.49
CA TRP D 120 -18.12 28.31 17.48
C TRP D 120 -18.97 29.23 18.36
N ARG D 121 -19.86 30.01 17.73
CA ARG D 121 -20.62 31.02 18.47
C ARG D 121 -21.58 30.40 19.48
N ASP D 122 -22.14 29.23 19.17
CA ASP D 122 -23.17 28.66 20.03
C ASP D 122 -22.67 28.41 21.45
N TYR D 123 -21.41 28.02 21.58
CA TYR D 123 -20.86 27.71 22.90
C TYR D 123 -19.93 28.78 23.44
N PHE D 124 -19.32 29.57 22.57
CA PHE D 124 -18.45 30.67 23.01
C PHE D 124 -19.16 31.96 22.61
N GLU D 125 -20.15 32.34 23.40
CA GLU D 125 -20.92 33.55 23.11
C GLU D 125 -20.03 34.79 23.21
N ASP D 126 -19.24 34.88 24.27
CA ASP D 126 -18.37 36.03 24.47
C ASP D 126 -17.11 35.95 23.63
N GLN D 127 -16.50 34.76 23.54
CA GLN D 127 -15.18 34.62 22.93
C GLN D 127 -15.24 34.75 21.42
N PRO D 128 -14.34 35.52 20.80
CA PRO D 128 -14.27 35.54 19.33
C PRO D 128 -13.19 34.65 18.73
N LEU D 129 -13.53 33.93 17.66
CA LEU D 129 -12.57 33.11 16.95
C LEU D 129 -11.57 34.00 16.22
N LEU D 130 -10.28 33.84 16.56
CA LEU D 130 -9.26 34.70 15.98
C LEU D 130 -8.85 34.23 14.59
N TYR D 131 -8.74 32.92 14.39
CA TYR D 131 -8.28 32.38 13.11
C TYR D 131 -8.93 31.02 12.89
N PRO D 132 -8.95 30.53 11.66
CA PRO D 132 -9.52 29.20 11.41
C PRO D 132 -8.55 28.11 11.81
N PRO D 133 -9.01 27.14 12.59
CA PRO D 133 -8.10 26.09 13.07
C PRO D 133 -7.85 25.01 12.02
N GLY D 134 -6.78 24.25 12.27
CA GLY D 134 -6.42 23.12 11.43
C GLY D 134 -6.55 21.81 12.18
N PHE D 135 -6.80 20.73 11.44
CA PHE D 135 -6.94 19.40 12.00
C PHE D 135 -6.16 18.40 11.16
N ASP D 136 -5.74 17.32 11.78
CA ASP D 136 -5.12 16.21 11.07
C ASP D 136 -5.85 14.92 11.39
N GLY D 137 -5.76 13.95 10.48
CA GLY D 137 -6.45 12.69 10.62
C GLY D 137 -5.56 11.53 10.21
N ARG D 138 -6.13 10.33 10.31
CA ARG D 138 -5.42 9.10 9.98
C ARG D 138 -6.44 7.97 9.99
N VAL D 139 -6.08 6.87 9.33
CA VAL D 139 -6.93 5.69 9.25
C VAL D 139 -6.17 4.49 9.81
N VAL D 140 -6.87 3.66 10.58
CA VAL D 140 -6.33 2.44 11.15
C VAL D 140 -7.33 1.32 10.93
N VAL D 141 -6.83 0.15 10.52
CA VAL D 141 -7.66 -1.01 10.23
C VAL D 141 -7.45 -2.04 11.33
N TYR D 142 -8.54 -2.49 11.95
CA TYR D 142 -8.49 -3.46 13.03
C TYR D 142 -9.23 -4.72 12.63
N PRO D 143 -8.59 -5.90 12.68
CA PRO D 143 -9.22 -7.11 12.15
C PRO D 143 -10.24 -7.79 13.06
N SER D 144 -10.15 -7.59 14.38
CA SER D 144 -11.01 -8.29 15.32
C SER D 144 -11.68 -7.31 16.27
N ASN D 145 -12.75 -7.78 16.91
CA ASN D 145 -13.43 -6.96 17.90
C ASN D 145 -12.55 -6.69 19.11
N GLN D 146 -11.67 -7.64 19.44
CA GLN D 146 -10.79 -7.45 20.58
C GLN D 146 -9.85 -6.28 20.35
N THR D 147 -9.31 -6.14 19.14
CA THR D 147 -8.38 -5.04 18.87
C THR D 147 -9.08 -3.69 18.91
N LEU D 148 -10.31 -3.60 18.40
CA LEU D 148 -11.06 -2.36 18.48
C LEU D 148 -11.39 -2.00 19.93
N LYS D 149 -11.85 -2.99 20.69
CA LYS D 149 -12.10 -2.78 22.11
C LYS D 149 -10.85 -2.30 22.84
N ASP D 150 -9.70 -2.90 22.52
CA ASP D 150 -8.45 -2.50 23.17
C ASP D 150 -8.03 -1.11 22.76
N TYR D 151 -8.28 -0.72 21.51
CA TYR D 151 -7.98 0.65 21.07
C TYR D 151 -8.82 1.66 21.85
N LEU D 152 -10.11 1.39 21.98
CA LEU D 152 -10.96 2.29 22.74
C LEU D 152 -10.53 2.35 24.20
N SER D 153 -10.15 1.20 24.78
CA SER D 153 -9.67 1.18 26.15
C SER D 153 -8.37 1.97 26.30
N TRP D 154 -7.49 1.89 25.30
CA TRP D 154 -6.27 2.69 25.31
C TRP D 154 -6.58 4.18 25.32
N ARG D 155 -7.52 4.61 24.48
CA ARG D 155 -7.88 6.02 24.44
C ARG D 155 -8.46 6.47 25.78
N GLN D 156 -9.33 5.66 26.38
CA GLN D 156 -9.95 6.07 27.64
C GLN D 156 -8.93 6.07 28.78
N ALA D 157 -8.02 5.10 28.80
CA ALA D 157 -6.99 5.09 29.85
C ALA D 157 -6.05 6.28 29.70
N ASP D 158 -5.69 6.62 28.46
CA ASP D 158 -4.87 7.81 28.23
C ASP D 158 -5.60 9.05 28.73
N CYS D 159 -6.90 9.15 28.45
CA CYS D 159 -7.71 10.26 28.97
C CYS D 159 -7.63 10.33 30.49
N HIS D 160 -7.85 9.19 31.16
CA HIS D 160 -7.88 9.18 32.62
C HIS D 160 -6.54 9.60 33.20
N ILE D 161 -5.43 9.08 32.66
CA ILE D 161 -4.12 9.41 33.21
C ILE D 161 -3.81 10.89 32.97
N ASN D 162 -4.10 11.40 31.77
CA ASN D 162 -3.82 12.81 31.50
C ASN D 162 -4.64 13.72 32.40
N ASN D 163 -5.91 13.39 32.63
CA ASN D 163 -6.72 14.24 33.50
C ASN D 163 -6.25 14.17 34.94
N LEU D 164 -5.90 12.97 35.42
CA LEU D 164 -5.42 12.85 36.79
C LEU D 164 -4.11 13.61 37.00
N TYR D 165 -3.27 13.67 35.96
CA TYR D 165 -2.05 14.46 36.09
C TYR D 165 -2.35 15.96 36.03
N ASN D 166 -3.13 16.38 35.03
CA ASN D 166 -3.35 17.81 34.81
C ASN D 166 -4.14 18.44 35.94
N THR D 167 -5.04 17.70 36.58
CA THR D 167 -5.82 18.26 37.68
C THR D 167 -4.89 18.73 38.80
N VAL D 168 -4.01 17.84 39.28
CA VAL D 168 -3.10 18.21 40.35
C VAL D 168 -2.01 19.14 39.85
N PHE D 169 -1.69 19.09 38.55
CA PHE D 169 -0.65 19.98 38.01
C PHE D 169 -1.14 21.43 38.04
N TRP D 170 -2.38 21.68 37.58
CA TRP D 170 -2.94 23.02 37.64
C TRP D 170 -3.40 23.41 39.04
N ALA D 171 -3.64 22.42 39.91
CA ALA D 171 -3.91 22.76 41.31
C ALA D 171 -2.68 23.31 42.01
N LEU D 172 -1.49 22.86 41.60
CA LEU D 172 -0.25 23.38 42.16
C LEU D 172 0.13 24.74 41.60
N ILE D 173 -0.33 25.08 40.40
CA ILE D 173 -0.01 26.37 39.81
C ILE D 173 -1.02 27.44 40.26
N GLN D 174 -2.30 27.10 40.26
CA GLN D 174 -3.36 28.06 40.52
C GLN D 174 -3.62 28.22 42.02
N GLN D 175 -3.90 27.12 42.72
CA GLN D 175 -4.25 27.18 44.13
C GLN D 175 -3.04 27.08 45.05
N SER D 176 -1.83 26.90 44.52
CA SER D 176 -0.63 26.84 45.34
C SER D 176 0.43 27.86 44.94
N GLY D 177 0.32 28.47 43.77
CA GLY D 177 1.28 29.48 43.35
C GLY D 177 2.66 28.94 43.07
N LEU D 178 2.76 27.96 42.18
CA LEU D 178 4.03 27.38 41.77
C LEU D 178 4.22 27.56 40.27
N THR D 179 5.45 27.85 39.88
CA THR D 179 5.79 27.94 38.46
C THR D 179 5.71 26.55 37.83
N PRO D 180 5.52 26.48 36.51
CA PRO D 180 5.41 25.17 35.85
C PRO D 180 6.57 24.22 36.18
N VAL D 181 7.80 24.73 36.22
CA VAL D 181 8.95 23.90 36.55
C VAL D 181 8.81 23.34 37.96
N GLN D 182 8.33 24.16 38.91
CA GLN D 182 8.18 23.70 40.29
C GLN D 182 7.12 22.60 40.39
N ALA D 183 5.96 22.83 39.77
CA ALA D 183 4.89 21.84 39.81
C ALA D 183 5.33 20.54 39.13
N GLN D 184 6.07 20.63 38.03
CA GLN D 184 6.51 19.43 37.34
C GLN D 184 7.58 18.69 38.12
N GLY D 185 8.44 19.41 38.84
CA GLY D 185 9.41 18.76 39.70
C GLY D 185 8.80 18.13 40.93
N ARG D 186 7.70 18.69 41.44
CA ARG D 186 7.03 18.07 42.58
C ARG D 186 6.26 16.82 42.17
N LEU D 187 5.73 16.77 40.94
CA LEU D 187 4.95 15.65 40.49
C LEU D 187 5.78 14.52 39.89
N GLN D 188 7.08 14.72 39.69
CA GLN D 188 7.92 13.69 39.10
C GLN D 188 8.01 12.47 40.01
N GLY D 189 7.71 11.29 39.45
CA GLY D 189 7.81 10.05 40.17
C GLY D 189 6.55 9.61 40.90
N THR D 190 5.48 10.40 40.84
CA THR D 190 4.26 10.07 41.55
C THR D 190 3.46 9.01 40.79
N LEU D 191 2.75 8.17 41.53
CA LEU D 191 1.89 7.13 40.98
C LEU D 191 0.46 7.67 40.89
N ALA D 192 -0.50 6.80 40.60
CA ALA D 192 -1.90 7.22 40.54
C ALA D 192 -2.41 7.56 41.94
N ALA D 193 -2.27 6.63 42.89
CA ALA D 193 -2.67 6.88 44.26
C ALA D 193 -1.87 8.04 44.86
N ASP D 194 -0.65 8.25 44.39
CA ASP D 194 0.16 9.38 44.88
C ASP D 194 -0.51 10.70 44.56
N LYS D 195 -0.87 10.90 43.29
CA LYS D 195 -1.56 12.13 42.89
C LYS D 195 -2.91 12.24 43.57
N ASN D 196 -3.64 11.12 43.68
CA ASN D 196 -4.93 11.15 44.37
C ASN D 196 -4.78 11.62 45.80
N GLU D 197 -3.73 11.17 46.49
CA GLU D 197 -3.55 11.57 47.88
C GLU D 197 -3.08 13.01 47.98
N ILE D 198 -2.19 13.44 47.08
CA ILE D 198 -1.79 14.85 47.07
C ILE D 198 -3.00 15.75 46.92
N LEU D 199 -3.91 15.39 46.02
CA LEU D 199 -5.11 16.19 45.82
C LEU D 199 -6.02 16.14 47.04
N PHE D 200 -6.30 14.94 47.55
CA PHE D 200 -7.25 14.78 48.64
C PHE D 200 -6.77 15.42 49.94
N SER D 201 -5.46 15.44 50.19
CA SER D 201 -4.94 15.90 51.47
C SER D 201 -4.36 17.31 51.43
N GLU D 202 -3.91 17.79 50.27
CA GLU D 202 -3.35 19.12 50.18
C GLU D 202 -4.35 20.15 49.66
N PHE D 203 -5.41 19.71 48.98
CA PHE D 203 -6.41 20.62 48.43
C PHE D 203 -7.84 20.22 48.78
N ASN D 204 -8.05 19.10 49.47
CA ASN D 204 -9.39 18.63 49.86
C ASN D 204 -10.27 18.42 48.63
N ILE D 205 -9.67 17.94 47.55
CA ILE D 205 -10.38 17.66 46.30
C ILE D 205 -10.39 16.15 46.10
N ASN D 206 -11.58 15.56 46.06
CA ASN D 206 -11.74 14.14 45.76
C ASN D 206 -11.86 13.97 44.25
N TYR D 207 -10.91 13.23 43.65
CA TYR D 207 -10.89 13.07 42.21
C TYR D 207 -12.12 12.35 41.69
N ASN D 208 -12.67 11.42 42.49
CA ASN D 208 -13.84 10.66 42.03
C ASN D 208 -15.06 11.56 41.85
N ASN D 209 -15.17 12.62 42.65
CA ASN D 209 -16.30 13.53 42.54
C ASN D 209 -16.20 14.47 41.34
N GLU D 210 -15.06 14.51 40.66
CA GLU D 210 -14.92 15.36 39.49
C GLU D 210 -15.90 14.95 38.40
N LEU D 211 -16.24 15.93 37.55
CA LEU D 211 -17.23 15.72 36.50
C LEU D 211 -16.90 14.48 35.67
N PRO D 212 -17.88 13.63 35.37
CA PRO D 212 -17.59 12.41 34.61
C PRO D 212 -17.16 12.66 33.18
N MET D 213 -17.35 13.87 32.66
CA MET D 213 -16.93 14.21 31.31
C MET D 213 -15.45 14.54 31.24
N TYR D 214 -14.80 14.80 32.38
CA TYR D 214 -13.39 15.18 32.41
C TYR D 214 -12.47 13.98 32.57
N ARG D 215 -12.87 13.00 33.38
CA ARG D 215 -12.03 11.85 33.67
C ARG D 215 -12.43 10.59 32.92
N LYS D 216 -13.43 10.65 32.05
CA LYS D 216 -13.84 9.50 31.25
C LYS D 216 -13.96 9.78 29.77
N GLY D 217 -13.95 11.04 29.35
CA GLY D 217 -14.10 11.39 27.95
C GLY D 217 -15.55 11.51 27.52
N THR D 218 -15.83 11.23 26.25
CA THR D 218 -17.19 11.26 25.72
C THR D 218 -17.35 10.13 24.71
N VAL D 219 -18.48 9.44 24.79
CA VAL D 219 -18.84 8.38 23.86
C VAL D 219 -20.08 8.85 23.11
N LEU D 220 -20.22 8.43 21.85
CA LEU D 220 -21.33 8.83 21.01
C LEU D 220 -21.92 7.60 20.33
N ILE D 221 -23.20 7.32 20.61
CA ILE D 221 -23.85 6.15 20.05
C ILE D 221 -25.26 6.51 19.59
N TRP D 222 -25.75 5.82 18.57
CA TRP D 222 -27.10 6.05 18.10
C TRP D 222 -28.10 5.48 19.10
N GLN D 223 -29.05 6.31 19.51
CA GLN D 223 -30.11 5.88 20.41
C GLN D 223 -31.42 6.52 19.98
N LYS D 224 -32.51 6.00 20.52
CA LYS D 224 -33.86 6.41 20.11
C LYS D 224 -34.30 7.54 21.04
N VAL D 225 -34.48 8.73 20.47
CA VAL D 225 -34.89 9.91 21.20
C VAL D 225 -36.35 10.20 20.91
N ASP D 226 -37.10 10.52 21.97
CA ASP D 226 -38.47 10.99 21.85
C ASP D 226 -38.49 12.51 21.92
N GLU D 227 -39.25 13.13 21.03
CA GLU D 227 -39.38 14.59 20.99
C GLU D 227 -40.82 14.94 20.64
N VAL D 228 -41.49 15.67 21.54
CA VAL D 228 -42.88 16.07 21.35
C VAL D 228 -42.92 17.58 21.16
N MET D 229 -44.11 18.13 20.98
CA MET D 229 -44.28 19.57 20.81
C MET D 229 -45.59 20.05 21.42
N VAL D 246 -47.98 13.73 21.69
CA VAL D 246 -47.71 13.23 20.35
C VAL D 246 -46.66 12.13 20.38
N THR D 247 -45.55 12.41 21.08
CA THR D 247 -44.49 11.42 21.30
C THR D 247 -43.85 10.98 19.99
N ARG D 248 -43.38 11.95 19.21
CA ARG D 248 -42.62 11.63 18.01
C ARG D 248 -41.22 11.13 18.40
N THR D 249 -40.69 10.24 17.59
CA THR D 249 -39.45 9.54 17.94
C THR D 249 -38.58 9.34 16.71
N ARG D 250 -37.27 9.37 16.91
CA ARG D 250 -36.31 9.12 15.84
C ARG D 250 -34.95 8.81 16.47
N THR D 251 -34.05 8.27 15.66
CA THR D 251 -32.72 7.92 16.15
C THR D 251 -31.78 9.10 15.99
N LYS D 252 -30.91 9.29 16.98
CA LYS D 252 -29.94 10.38 16.95
C LYS D 252 -28.70 9.95 17.71
N PRO D 253 -27.53 10.56 17.41
CA PRO D 253 -26.31 10.24 18.16
C PRO D 253 -26.25 10.90 19.53
N VAL D 254 -26.57 10.16 20.58
CA VAL D 254 -26.54 10.68 21.95
C VAL D 254 -25.14 10.52 22.54
N PRO D 255 -24.73 11.43 23.42
CA PRO D 255 -23.47 11.29 24.15
C PRO D 255 -23.63 10.60 25.50
N LEU D 256 -22.53 10.00 25.94
CA LEU D 256 -22.43 9.33 27.24
C LEU D 256 -21.04 9.59 27.81
N HIS D 257 -20.91 9.33 29.12
CA HIS D 257 -19.64 9.50 29.82
C HIS D 257 -19.37 8.30 30.72
N CYS D 258 -19.60 7.10 30.22
CA CYS D 258 -19.43 5.88 31.00
C CYS D 258 -18.13 5.17 30.64
N ASP D 259 -17.81 4.14 31.42
CA ASP D 259 -16.59 3.37 31.22
C ASP D 259 -16.77 2.41 30.06
N ILE D 260 -15.85 2.45 29.10
CA ILE D 260 -15.91 1.58 27.93
C ILE D 260 -14.83 0.52 27.94
N ILE D 261 -14.06 0.41 29.01
CA ILE D 261 -13.05 -0.64 29.09
C ILE D 261 -13.65 -1.94 29.63
N GLY D 262 -14.66 -1.84 30.49
CA GLY D 262 -15.29 -3.01 31.08
C GLY D 262 -16.38 -3.58 30.19
N ASP D 263 -16.51 -4.92 30.23
CA ASP D 263 -17.48 -5.62 29.41
C ASP D 263 -18.92 -5.18 29.67
N ALA D 264 -19.19 -4.55 30.81
CA ALA D 264 -20.56 -4.13 31.12
C ALA D 264 -21.12 -3.20 30.05
N PHE D 265 -20.31 -2.22 29.61
CA PHE D 265 -20.74 -1.29 28.57
C PHE D 265 -21.15 -2.03 27.30
N TRP D 266 -20.37 -3.02 26.89
CA TRP D 266 -20.64 -3.75 25.66
C TRP D 266 -21.77 -4.76 25.83
N LYS D 267 -21.89 -5.36 27.01
CA LYS D 267 -23.05 -6.19 27.30
C LYS D 267 -24.34 -5.38 27.33
N GLU D 268 -24.25 -4.08 27.60
CA GLU D 268 -25.44 -3.25 27.63
C GLU D 268 -25.90 -2.83 26.23
N HIS D 269 -25.00 -2.75 25.27
CA HIS D 269 -25.31 -2.38 23.89
C HIS D 269 -24.71 -3.39 22.93
N PRO D 270 -25.38 -4.53 22.74
CA PRO D 270 -24.83 -5.58 21.88
C PRO D 270 -24.92 -5.27 20.39
N GLU D 271 -25.85 -4.41 19.96
CA GLU D 271 -26.07 -4.15 18.54
C GLU D 271 -24.87 -3.45 17.88
N ILE D 272 -23.99 -2.84 18.65
CA ILE D 272 -22.91 -2.05 18.07
C ILE D 272 -21.85 -2.95 17.42
N LEU D 273 -21.55 -4.10 18.02
CA LEU D 273 -20.54 -5.00 17.45
C LEU D 273 -21.16 -6.09 16.57
N ASP D 274 -22.18 -6.79 17.09
CA ASP D 274 -22.81 -7.90 16.37
C ASP D 274 -23.95 -7.35 15.53
N GLU D 275 -23.73 -7.25 14.23
CA GLU D 275 -24.75 -6.72 13.33
C GLU D 275 -24.76 -7.47 11.99
#